data_2DRK
# 
_entry.id   2DRK 
# 
_audit_conform.dict_name       mmcif_pdbx.dic 
_audit_conform.dict_version    5.380 
_audit_conform.dict_location   http://mmcif.pdb.org/dictionaries/ascii/mmcif_pdbx.dic 
# 
loop_
_database_2.database_id 
_database_2.database_code 
_database_2.pdbx_database_accession 
_database_2.pdbx_DOI 
PDB   2DRK         pdb_00002drk 10.2210/pdb2drk/pdb 
RCSB  RCSB025759   ?            ?                   
WWPDB D_1000025759 ?            ?                   
# 
_pdbx_database_related.db_name        PDB 
_pdbx_database_related.db_id          2DRM 
_pdbx_database_related.details        . 
_pdbx_database_related.content_type   unspecified 
# 
_pdbx_database_status.entry_id                        2DRK 
_pdbx_database_status.deposit_site                    PDBJ 
_pdbx_database_status.process_site                    PDBJ 
_pdbx_database_status.recvd_initial_deposition_date   2006-06-09 
_pdbx_database_status.status_code                     REL 
_pdbx_database_status.status_code_sf                  REL 
_pdbx_database_status.status_code_mr                  ? 
_pdbx_database_status.SG_entry                        ? 
_pdbx_database_status.pdb_format_compatible           Y 
_pdbx_database_status.status_code_cs                  ? 
_pdbx_database_status.status_code_nmr_data            ? 
_pdbx_database_status.methods_development_category    ? 
# 
loop_
_audit_author.name 
_audit_author.pdbx_ordinal 
'Houdusse, A.' 1 
'Bahloul, A.'  2 
'Ostap, E.M.'  3 
# 
_citation.id                        primary 
_citation.title                     'The crystal structure of the SH3 domain of Acanthamoeba myosin IB bound to Acan125' 
_citation.journal_abbrev            'To be Published' 
_citation.journal_volume            ? 
_citation.page_first                ? 
_citation.page_last                 ? 
_citation.year                      ? 
_citation.journal_id_ASTM           ? 
_citation.country                   ? 
_citation.journal_id_ISSN           ? 
_citation.journal_id_CSD            0353 
_citation.book_publisher            ? 
_citation.pdbx_database_id_PubMed   ? 
_citation.pdbx_database_id_DOI      ? 
# 
loop_
_citation_author.citation_id 
_citation_author.name 
_citation_author.ordinal 
_citation_author.identifier_ORCID 
primary 'Houdusse, A.' 1 ? 
primary 'Bahloul, A.'  2 ? 
primary 'Ostap, E.M.'  3 ? 
# 
_cell.entry_id           2DRK 
_cell.length_a           32.701 
_cell.length_b           37.362 
_cell.length_c           43.836 
_cell.angle_alpha        90.00 
_cell.angle_beta         90.00 
_cell.angle_gamma        90.00 
_cell.Z_PDB              4 
_cell.pdbx_unique_axis   ? 
_cell.length_a_esd       ? 
_cell.length_b_esd       ? 
_cell.length_c_esd       ? 
_cell.angle_alpha_esd    ? 
_cell.angle_beta_esd     ? 
_cell.angle_gamma_esd    ? 
# 
_symmetry.entry_id                         2DRK 
_symmetry.space_group_name_H-M             'P 21 21 21' 
_symmetry.pdbx_full_space_group_name_H-M   ? 
_symmetry.cell_setting                     ? 
_symmetry.Int_Tables_number                19 
_symmetry.space_group_name_Hall            ? 
# 
loop_
_entity.id 
_entity.type 
_entity.src_method 
_entity.pdbx_description 
_entity.formula_weight 
_entity.pdbx_number_of_molecules 
_entity.pdbx_ec 
_entity.pdbx_mutation 
_entity.pdbx_fragment 
_entity.details 
1 polymer     man 'Myosin heavy chain IB'                                6584.188 1  ? ? 'SH3 domain' ? 
2 polymer     syn '10-mer peptide from Myosin-I binding protein Acan125' 1103.339 1  ? ? ?            ? 
3 non-polymer syn GLYCEROL                                               92.094   1  ? ? ?            ? 
4 non-polymer syn 'SULFATE ION'                                          96.063   1  ? ? ?            ? 
5 water       nat water                                                  18.015   77 ? ? ?            ? 
# 
_entity_name_com.entity_id   1 
_entity_name_com.name        'Myosin heavy chain IL' 
# 
loop_
_entity_poly.entity_id 
_entity_poly.type 
_entity_poly.nstd_linkage 
_entity_poly.nstd_monomer 
_entity_poly.pdbx_seq_one_letter_code 
_entity_poly.pdbx_seq_one_letter_code_can 
_entity_poly.pdbx_strand_id 
_entity_poly.pdbx_target_identifier 
1 'polypeptide(L)' no no GSPGIQVKALYDYDAQTGDELTFKEGDTIIVHQKDPAGWWEGELNGKRGWVPANYVQDI 
GSPGIQVKALYDYDAQTGDELTFKEGDTIIVHQKDPAGWWEGELNGKRGWVPANYVQDI A ? 
2 'polypeptide(L)' no no RPKPVPPPRG                                                  RPKPVPPPRG B ? 
# 
loop_
_entity_poly_seq.entity_id 
_entity_poly_seq.num 
_entity_poly_seq.mon_id 
_entity_poly_seq.hetero 
1 1  GLY n 
1 2  SER n 
1 3  PRO n 
1 4  GLY n 
1 5  ILE n 
1 6  GLN n 
1 7  VAL n 
1 8  LYS n 
1 9  ALA n 
1 10 LEU n 
1 11 TYR n 
1 12 ASP n 
1 13 TYR n 
1 14 ASP n 
1 15 ALA n 
1 16 GLN n 
1 17 THR n 
1 18 GLY n 
1 19 ASP n 
1 20 GLU n 
1 21 LEU n 
1 22 THR n 
1 23 PHE n 
1 24 LYS n 
1 25 GLU n 
1 26 GLY n 
1 27 ASP n 
1 28 THR n 
1 29 ILE n 
1 30 ILE n 
1 31 VAL n 
1 32 HIS n 
1 33 GLN n 
1 34 LYS n 
1 35 ASP n 
1 36 PRO n 
1 37 ALA n 
1 38 GLY n 
1 39 TRP n 
1 40 TRP n 
1 41 GLU n 
1 42 GLY n 
1 43 GLU n 
1 44 LEU n 
1 45 ASN n 
1 46 GLY n 
1 47 LYS n 
1 48 ARG n 
1 49 GLY n 
1 50 TRP n 
1 51 VAL n 
1 52 PRO n 
1 53 ALA n 
1 54 ASN n 
1 55 TYR n 
1 56 VAL n 
1 57 GLN n 
1 58 ASP n 
1 59 ILE n 
2 1  ARG n 
2 2  PRO n 
2 3  LYS n 
2 4  PRO n 
2 5  VAL n 
2 6  PRO n 
2 7  PRO n 
2 8  PRO n 
2 9  ARG n 
2 10 GLY n 
# 
_entity_src_gen.entity_id                          1 
_entity_src_gen.pdbx_src_id                        1 
_entity_src_gen.pdbx_alt_source_flag               sample 
_entity_src_gen.pdbx_seq_type                      ? 
_entity_src_gen.pdbx_beg_seq_num                   ? 
_entity_src_gen.pdbx_end_seq_num                   ? 
_entity_src_gen.gene_src_common_name               ? 
_entity_src_gen.gene_src_genus                     Acanthamoeba 
_entity_src_gen.pdbx_gene_src_gene                 ? 
_entity_src_gen.gene_src_species                   ? 
_entity_src_gen.gene_src_strain                    ? 
_entity_src_gen.gene_src_tissue                    ? 
_entity_src_gen.gene_src_tissue_fraction           ? 
_entity_src_gen.gene_src_details                   ? 
_entity_src_gen.pdbx_gene_src_fragment             ? 
_entity_src_gen.pdbx_gene_src_scientific_name      'Acanthamoeba castellanii' 
_entity_src_gen.pdbx_gene_src_ncbi_taxonomy_id     5755 
_entity_src_gen.pdbx_gene_src_variant              ? 
_entity_src_gen.pdbx_gene_src_cell_line            ? 
_entity_src_gen.pdbx_gene_src_atcc                 ? 
_entity_src_gen.pdbx_gene_src_organ                ? 
_entity_src_gen.pdbx_gene_src_organelle            ? 
_entity_src_gen.pdbx_gene_src_cell                 ? 
_entity_src_gen.pdbx_gene_src_cellular_location    ? 
_entity_src_gen.host_org_common_name               ? 
_entity_src_gen.pdbx_host_org_scientific_name      'Escherichia coli BL21' 
_entity_src_gen.pdbx_host_org_ncbi_taxonomy_id     511693 
_entity_src_gen.host_org_genus                     Escherichia 
_entity_src_gen.pdbx_host_org_gene                 ? 
_entity_src_gen.pdbx_host_org_organ                ? 
_entity_src_gen.host_org_species                   'Escherichia coli' 
_entity_src_gen.pdbx_host_org_tissue               ? 
_entity_src_gen.pdbx_host_org_tissue_fraction      ? 
_entity_src_gen.pdbx_host_org_strain               BL21 
_entity_src_gen.pdbx_host_org_variant              ? 
_entity_src_gen.pdbx_host_org_cell_line            ? 
_entity_src_gen.pdbx_host_org_atcc                 ? 
_entity_src_gen.pdbx_host_org_culture_collection   ? 
_entity_src_gen.pdbx_host_org_cell                 ? 
_entity_src_gen.pdbx_host_org_organelle            ? 
_entity_src_gen.pdbx_host_org_cellular_location    ? 
_entity_src_gen.pdbx_host_org_vector_type          plasmid 
_entity_src_gen.pdbx_host_org_vector               ? 
_entity_src_gen.host_org_details                   ? 
_entity_src_gen.expression_system_id               ? 
_entity_src_gen.plasmid_name                       pGEX 
_entity_src_gen.plasmid_details                    ? 
_entity_src_gen.pdbx_description                   ? 
# 
_pdbx_entity_src_syn.entity_id              2 
_pdbx_entity_src_syn.pdbx_src_id            1 
_pdbx_entity_src_syn.pdbx_alt_source_flag   sample 
_pdbx_entity_src_syn.pdbx_beg_seq_num       ? 
_pdbx_entity_src_syn.pdbx_end_seq_num       ? 
_pdbx_entity_src_syn.organism_scientific    ? 
_pdbx_entity_src_syn.organism_common_name   ? 
_pdbx_entity_src_syn.ncbi_taxonomy_id       ? 
_pdbx_entity_src_syn.details                'This sequence occurs naturally in Acanthamoeba' 
# 
loop_
_struct_ref.id 
_struct_ref.db_name 
_struct_ref.db_code 
_struct_ref.pdbx_db_accession 
_struct_ref.entity_id 
_struct_ref.pdbx_seq_one_letter_code 
_struct_ref.pdbx_align_begin 
_struct_ref.pdbx_db_isoform 
1 UNP MYSB_ACACA   P19706 1 QVKALYDYDAQTGDELTFKEGDTIIVHQKDPAGWWEGELNGKRGWVPANYVQDI 1094 ? 
2 UNP P90630_ACACA P90630 2 RPKPVPPPRG                                             977  ? 
# 
loop_
_struct_ref_seq.align_id 
_struct_ref_seq.ref_id 
_struct_ref_seq.pdbx_PDB_id_code 
_struct_ref_seq.pdbx_strand_id 
_struct_ref_seq.seq_align_beg 
_struct_ref_seq.pdbx_seq_align_beg_ins_code 
_struct_ref_seq.seq_align_end 
_struct_ref_seq.pdbx_seq_align_end_ins_code 
_struct_ref_seq.pdbx_db_accession 
_struct_ref_seq.db_align_beg 
_struct_ref_seq.pdbx_db_align_beg_ins_code 
_struct_ref_seq.db_align_end 
_struct_ref_seq.pdbx_db_align_end_ins_code 
_struct_ref_seq.pdbx_auth_seq_align_beg 
_struct_ref_seq.pdbx_auth_seq_align_end 
1 1 2DRK A 6 ? 59 ? P19706 1094 ? 1147 ? 6 59 
2 2 2DRK B 1 ? 10 ? P90630 977  ? 986  ? 1 10 
# 
loop_
_struct_ref_seq_dif.align_id 
_struct_ref_seq_dif.pdbx_pdb_id_code 
_struct_ref_seq_dif.mon_id 
_struct_ref_seq_dif.pdbx_pdb_strand_id 
_struct_ref_seq_dif.seq_num 
_struct_ref_seq_dif.pdbx_pdb_ins_code 
_struct_ref_seq_dif.pdbx_seq_db_name 
_struct_ref_seq_dif.pdbx_seq_db_accession_code 
_struct_ref_seq_dif.db_mon_id 
_struct_ref_seq_dif.pdbx_seq_db_seq_num 
_struct_ref_seq_dif.details 
_struct_ref_seq_dif.pdbx_auth_seq_num 
_struct_ref_seq_dif.pdbx_ordinal 
1 2DRK GLY A 1 ? UNP P19706 ? ? 'cloning artifact' 1 1 
1 2DRK SER A 2 ? UNP P19706 ? ? 'cloning artifact' 2 2 
1 2DRK PRO A 3 ? UNP P19706 ? ? 'cloning artifact' 3 3 
1 2DRK GLY A 4 ? UNP P19706 ? ? 'cloning artifact' 4 4 
1 2DRK ILE A 5 ? UNP P19706 ? ? 'cloning artifact' 5 5 
# 
loop_
_chem_comp.id 
_chem_comp.type 
_chem_comp.mon_nstd_flag 
_chem_comp.name 
_chem_comp.pdbx_synonyms 
_chem_comp.formula 
_chem_comp.formula_weight 
ALA 'L-peptide linking' y ALANINE         ?                               'C3 H7 N O2'     89.093  
ARG 'L-peptide linking' y ARGININE        ?                               'C6 H15 N4 O2 1' 175.209 
ASN 'L-peptide linking' y ASPARAGINE      ?                               'C4 H8 N2 O3'    132.118 
ASP 'L-peptide linking' y 'ASPARTIC ACID' ?                               'C4 H7 N O4'     133.103 
GLN 'L-peptide linking' y GLUTAMINE       ?                               'C5 H10 N2 O3'   146.144 
GLU 'L-peptide linking' y 'GLUTAMIC ACID' ?                               'C5 H9 N O4'     147.129 
GLY 'peptide linking'   y GLYCINE         ?                               'C2 H5 N O2'     75.067  
GOL non-polymer         . GLYCEROL        'GLYCERIN; PROPANE-1,2,3-TRIOL' 'C3 H8 O3'       92.094  
HIS 'L-peptide linking' y HISTIDINE       ?                               'C6 H10 N3 O2 1' 156.162 
HOH non-polymer         . WATER           ?                               'H2 O'           18.015  
ILE 'L-peptide linking' y ISOLEUCINE      ?                               'C6 H13 N O2'    131.173 
LEU 'L-peptide linking' y LEUCINE         ?                               'C6 H13 N O2'    131.173 
LYS 'L-peptide linking' y LYSINE          ?                               'C6 H15 N2 O2 1' 147.195 
PHE 'L-peptide linking' y PHENYLALANINE   ?                               'C9 H11 N O2'    165.189 
PRO 'L-peptide linking' y PROLINE         ?                               'C5 H9 N O2'     115.130 
SER 'L-peptide linking' y SERINE          ?                               'C3 H7 N O3'     105.093 
SO4 non-polymer         . 'SULFATE ION'   ?                               'O4 S -2'        96.063  
THR 'L-peptide linking' y THREONINE       ?                               'C4 H9 N O3'     119.119 
TRP 'L-peptide linking' y TRYPTOPHAN      ?                               'C11 H12 N2 O2'  204.225 
TYR 'L-peptide linking' y TYROSINE        ?                               'C9 H11 N O3'    181.189 
VAL 'L-peptide linking' y VALINE          ?                               'C5 H11 N O2'    117.146 
# 
_exptl.crystals_number   1 
_exptl.entry_id          2DRK 
_exptl.method            'X-RAY DIFFRACTION' 
# 
_exptl_crystal.id                    1 
_exptl_crystal.density_Matthews      1.74 
_exptl_crystal.density_meas          ? 
_exptl_crystal.density_percent_sol   29.38 
_exptl_crystal.description           ? 
_exptl_crystal.F_000                 ? 
_exptl_crystal.preparation           ? 
# 
_exptl_crystal_grow.crystal_id      1 
_exptl_crystal_grow.method          'VAPOR DIFFUSION, HANGING DROP' 
_exptl_crystal_grow.pH              5.2 
_exptl_crystal_grow.temp            278 
_exptl_crystal_grow.temp_details    ? 
_exptl_crystal_grow.pdbx_details    'pH 5.2, VAPOR DIFFUSION, HANGING DROP, temperature 278K' 
_exptl_crystal_grow.pdbx_pH_range   . 
# 
_diffrn.id                     1 
_diffrn.ambient_temp           100 
_diffrn.ambient_temp_details   ? 
_diffrn.crystal_id             1 
# 
_diffrn_detector.diffrn_id              1 
_diffrn_detector.detector               CCD 
_diffrn_detector.type                   ? 
_diffrn_detector.pdbx_collection_date   2002-06-30 
_diffrn_detector.details                ? 
# 
_diffrn_radiation.diffrn_id                        1 
_diffrn_radiation.wavelength_id                    1 
_diffrn_radiation.pdbx_diffrn_protocol             'SINGLE WAVELENGTH' 
_diffrn_radiation.monochromator                    ? 
_diffrn_radiation.pdbx_monochromatic_or_laue_m_l   M 
_diffrn_radiation.pdbx_scattering_type             x-ray 
# 
_diffrn_radiation_wavelength.id           1 
_diffrn_radiation_wavelength.wavelength   0.86 
_diffrn_radiation_wavelength.wt           1.0 
# 
_diffrn_source.diffrn_id                   1 
_diffrn_source.source                      SYNCHROTRON 
_diffrn_source.type                        'ESRF BEAMLINE BM30A' 
_diffrn_source.pdbx_wavelength             ? 
_diffrn_source.pdbx_wavelength_list        0.86 
_diffrn_source.pdbx_synchrotron_site       ESRF 
_diffrn_source.pdbx_synchrotron_beamline   BM30A 
# 
_reflns.entry_id                     2DRK 
_reflns.observed_criterion_sigma_F   ? 
_reflns.observed_criterion_sigma_I   ? 
_reflns.d_resolution_high            1.42 
_reflns.d_resolution_low             30 
_reflns.number_all                   ? 
_reflns.number_obs                   10624 
_reflns.percent_possible_obs         ? 
_reflns.pdbx_Rmerge_I_obs            ? 
_reflns.pdbx_Rsym_value              ? 
_reflns.pdbx_netI_over_sigmaI        ? 
_reflns.B_iso_Wilson_estimate        ? 
_reflns.pdbx_redundancy              ? 
_reflns.R_free_details               ? 
_reflns.limit_h_max                  ? 
_reflns.limit_h_min                  ? 
_reflns.limit_k_max                  ? 
_reflns.limit_k_min                  ? 
_reflns.limit_l_max                  ? 
_reflns.limit_l_min                  ? 
_reflns.observed_criterion_F_max     ? 
_reflns.observed_criterion_F_min     ? 
_reflns.pdbx_chi_squared             ? 
_reflns.pdbx_scaling_rejects         ? 
_reflns.pdbx_ordinal                 1 
_reflns.pdbx_diffrn_id               1 
# 
_reflns_shell.d_res_high             1.42 
_reflns_shell.d_res_low              1.46 
_reflns_shell.percent_possible_obs   ? 
_reflns_shell.percent_possible_all   ? 
_reflns_shell.Rmerge_I_obs           ? 
_reflns_shell.meanI_over_sigI_obs    ? 
_reflns_shell.pdbx_Rsym_value        ? 
_reflns_shell.pdbx_redundancy        ? 
_reflns_shell.number_unique_all      ? 
_reflns_shell.number_measured_all    ? 
_reflns_shell.number_measured_obs    ? 
_reflns_shell.number_unique_obs      ? 
_reflns_shell.pdbx_chi_squared       ? 
_reflns_shell.pdbx_ordinal           1 
_reflns_shell.pdbx_diffrn_id         1 
# 
_refine.entry_id                                 2DRK 
_refine.ls_d_res_high                            1.420 
_refine.ls_d_res_low                             28.400 
_refine.pdbx_ls_sigma_F                          0.00 
_refine.ls_percent_reflns_obs                    99.840 
_refine.ls_number_reflns_obs                     10584 
_refine.pdbx_ls_cross_valid_method               THROUGHOUT 
_refine.pdbx_R_Free_selection_details            RANDOM 
_refine.details                                  'HYDROGENS HAVE BEEN ADDED IN THE RIDING POSITIONS' 
_refine.ls_R_factor_all                          ? 
_refine.ls_R_factor_R_work                       0.159 
_refine.ls_R_factor_R_free                       0.173 
_refine.ls_percent_reflns_R_free                 4.800 
_refine.ls_number_reflns_R_free                  508 
_refine.B_iso_mean                               9.161 
_refine.aniso_B[1][1]                            0.520 
_refine.aniso_B[2][2]                            -0.370 
_refine.aniso_B[3][3]                            -0.140 
_refine.aniso_B[1][2]                            0.000 
_refine.aniso_B[1][3]                            0.000 
_refine.aniso_B[2][3]                            0.000 
_refine.correlation_coeff_Fo_to_Fc               0.967 
_refine.correlation_coeff_Fo_to_Fc_free          0.970 
_refine.pdbx_overall_ESU_R                       0.067 
_refine.pdbx_overall_ESU_R_Free                  0.063 
_refine.overall_SU_ML                            0.041 
_refine.overall_SU_B                             1.054 
_refine.solvent_model_details                    'BABINET MODEL WITH MASK' 
_refine.pdbx_solvent_vdw_probe_radii             1.400 
_refine.pdbx_solvent_ion_probe_radii             0.800 
_refine.pdbx_solvent_shrinkage_radii             0.800 
_refine.pdbx_stereochemistry_target_values       'MAXIMUM LIKELIHOOD' 
_refine.pdbx_ls_sigma_I                          ? 
_refine.ls_number_reflns_all                     ? 
_refine.ls_R_factor_obs                          0.159 
_refine.ls_redundancy_reflns_obs                 ? 
_refine.pdbx_data_cutoff_high_absF               ? 
_refine.pdbx_data_cutoff_low_absF                ? 
_refine.ls_number_parameters                     ? 
_refine.ls_number_restraints                     ? 
_refine.ls_R_factor_R_free_error                 ? 
_refine.ls_R_factor_R_free_error_details         ? 
_refine.pdbx_method_to_determine_struct          'MOLECULAR REPLACEMENT' 
_refine.pdbx_starting_model                      'PDB entry 1SEM' 
_refine.pdbx_stereochem_target_val_spec_case     ? 
_refine.solvent_model_param_bsol                 ? 
_refine.solvent_model_param_ksol                 ? 
_refine.occupancy_max                            ? 
_refine.occupancy_min                            ? 
_refine.pdbx_isotropic_thermal_model             ? 
_refine.B_iso_min                                ? 
_refine.B_iso_max                                ? 
_refine.overall_SU_R_Cruickshank_DPI             ? 
_refine.overall_SU_R_free                        ? 
_refine.pdbx_data_cutoff_high_rms_absF           ? 
_refine.ls_wR_factor_R_free                      ? 
_refine.ls_wR_factor_R_work                      ? 
_refine.overall_FOM_free_R_set                   ? 
_refine.overall_FOM_work_R_set                   ? 
_refine.pdbx_refine_id                           'X-RAY DIFFRACTION' 
_refine.pdbx_diffrn_id                           1 
_refine.pdbx_TLS_residual_ADP_flag               ? 
_refine.pdbx_overall_phase_error                 ? 
_refine.pdbx_overall_SU_R_free_Cruickshank_DPI   ? 
_refine.pdbx_overall_SU_R_Blow_DPI               ? 
_refine.pdbx_overall_SU_R_free_Blow_DPI          ? 
# 
_refine_hist.pdbx_refine_id                   'X-RAY DIFFRACTION' 
_refine_hist.cycle_id                         LAST 
_refine_hist.pdbx_number_atoms_protein        544 
_refine_hist.pdbx_number_atoms_nucleic_acid   0 
_refine_hist.pdbx_number_atoms_ligand         11 
_refine_hist.number_atoms_solvent             77 
_refine_hist.number_atoms_total               632 
_refine_hist.d_res_high                       1.420 
_refine_hist.d_res_low                        28.400 
# 
loop_
_refine_ls_restr.type 
_refine_ls_restr.number 
_refine_ls_restr.dev_ideal 
_refine_ls_restr.dev_ideal_target 
_refine_ls_restr.weight 
_refine_ls_restr.pdbx_refine_id 
_refine_ls_restr.pdbx_restraint_function 
r_bond_refined_d         574  0.007 0.021 ? 'X-RAY DIFFRACTION' ? 
r_bond_other_d           492  0.002 0.020 ? 'X-RAY DIFFRACTION' ? 
r_angle_refined_deg      781  1.142 1.968 ? 'X-RAY DIFFRACTION' ? 
r_angle_other_deg        1162 0.776 3.000 ? 'X-RAY DIFFRACTION' ? 
r_dihedral_angle_1_deg   67   5.903 5.000 ? 'X-RAY DIFFRACTION' ? 
r_chiral_restr           78   0.071 0.200 ? 'X-RAY DIFFRACTION' ? 
r_gen_planes_refined     627  0.004 0.020 ? 'X-RAY DIFFRACTION' ? 
r_gen_planes_other       105  0.002 0.020 ? 'X-RAY DIFFRACTION' ? 
r_nbd_refined            80   0.219 0.200 ? 'X-RAY DIFFRACTION' ? 
r_nbd_other              519  0.246 0.200 ? 'X-RAY DIFFRACTION' ? 
r_nbtor_other            318  0.081 0.200 ? 'X-RAY DIFFRACTION' ? 
r_xyhbond_nbd_refined    59   0.108 0.200 ? 'X-RAY DIFFRACTION' ? 
r_symmetry_vdw_refined   6    0.159 0.200 ? 'X-RAY DIFFRACTION' ? 
r_symmetry_vdw_other     63   0.301 0.200 ? 'X-RAY DIFFRACTION' ? 
r_symmetry_hbond_refined 22   0.103 0.200 ? 'X-RAY DIFFRACTION' ? 
r_mcbond_it              344  0.538 1.500 ? 'X-RAY DIFFRACTION' ? 
r_mcangle_it             555  0.997 2.000 ? 'X-RAY DIFFRACTION' ? 
r_scbond_it              230  1.825 3.000 ? 'X-RAY DIFFRACTION' ? 
r_scangle_it             226  2.467 4.500 ? 'X-RAY DIFFRACTION' ? 
# 
_refine_ls_shell.d_res_high                       1.420 
_refine_ls_shell.d_res_low                        1.457 
_refine_ls_shell.pdbx_total_number_of_bins_used   20 
_refine_ls_shell.percent_reflns_obs               ? 
_refine_ls_shell.number_reflns_R_work             723 
_refine_ls_shell.R_factor_all                     ? 
_refine_ls_shell.R_factor_R_work                  0.241 
_refine_ls_shell.R_factor_R_free                  0.274 
_refine_ls_shell.percent_reflns_R_free            ? 
_refine_ls_shell.number_reflns_R_free             28 
_refine_ls_shell.R_factor_R_free_error            ? 
_refine_ls_shell.number_reflns_all                ? 
_refine_ls_shell.number_reflns_obs                751 
_refine_ls_shell.redundancy_reflns_obs            ? 
_refine_ls_shell.pdbx_refine_id                   'X-RAY DIFFRACTION' 
# 
_struct.entry_id                  2DRK 
_struct.title                     'Acanthamoeba myosin I SH3 domain bound to Acan125' 
_struct.pdbx_model_details        ? 
_struct.pdbx_CASP_flag            ? 
_struct.pdbx_model_type_details   ? 
# 
_struct_keywords.entry_id        2DRK 
_struct_keywords.pdbx_keywords   'CONTRACTILE PROTEIN' 
_struct_keywords.text            'SH3 domain, CONTRACTILE PROTEIN' 
# 
loop_
_struct_asym.id 
_struct_asym.pdbx_blank_PDB_chainid_flag 
_struct_asym.pdbx_modified 
_struct_asym.entity_id 
_struct_asym.details 
A N N 1 ? 
B N N 2 ? 
C N N 3 ? 
D N N 4 ? 
E N N 5 ? 
F N N 5 ? 
# 
_struct_biol.id   1 
# 
_struct_conf.conf_type_id            HELX_P 
_struct_conf.id                      HELX_P1 
_struct_conf.pdbx_PDB_helix_id       1 
_struct_conf.beg_label_comp_id       ASN 
_struct_conf.beg_label_asym_id       A 
_struct_conf.beg_label_seq_id        54 
_struct_conf.pdbx_beg_PDB_ins_code   ? 
_struct_conf.end_label_comp_id       VAL 
_struct_conf.end_label_asym_id       A 
_struct_conf.end_label_seq_id        56 
_struct_conf.pdbx_end_PDB_ins_code   ? 
_struct_conf.beg_auth_comp_id        ASN 
_struct_conf.beg_auth_asym_id        A 
_struct_conf.beg_auth_seq_id         54 
_struct_conf.end_auth_comp_id        VAL 
_struct_conf.end_auth_asym_id        A 
_struct_conf.end_auth_seq_id         56 
_struct_conf.pdbx_PDB_helix_class    5 
_struct_conf.details                 ? 
_struct_conf.pdbx_PDB_helix_length   3 
# 
_struct_conf_type.id          HELX_P 
_struct_conf_type.criteria    ? 
_struct_conf_type.reference   ? 
# 
_struct_sheet.id               A 
_struct_sheet.type             ? 
_struct_sheet.number_strands   4 
_struct_sheet.details          ? 
# 
loop_
_struct_sheet_order.sheet_id 
_struct_sheet_order.range_id_1 
_struct_sheet_order.range_id_2 
_struct_sheet_order.offset 
_struct_sheet_order.sense 
A 1 2 ? anti-parallel 
A 2 3 ? anti-parallel 
A 3 4 ? anti-parallel 
# 
loop_
_struct_sheet_range.sheet_id 
_struct_sheet_range.id 
_struct_sheet_range.beg_label_comp_id 
_struct_sheet_range.beg_label_asym_id 
_struct_sheet_range.beg_label_seq_id 
_struct_sheet_range.pdbx_beg_PDB_ins_code 
_struct_sheet_range.end_label_comp_id 
_struct_sheet_range.end_label_asym_id 
_struct_sheet_range.end_label_seq_id 
_struct_sheet_range.pdbx_end_PDB_ins_code 
_struct_sheet_range.beg_auth_comp_id 
_struct_sheet_range.beg_auth_asym_id 
_struct_sheet_range.beg_auth_seq_id 
_struct_sheet_range.end_auth_comp_id 
_struct_sheet_range.end_auth_asym_id 
_struct_sheet_range.end_auth_seq_id 
A 1 ILE A 5  ? LYS A 8  ? ILE A 5  LYS A 8  
A 2 THR A 28 ? GLN A 33 ? THR A 28 GLN A 33 
A 3 TRP A 39 ? LEU A 44 ? TRP A 39 LEU A 44 
A 4 LYS A 47 ? PRO A 52 ? LYS A 47 PRO A 52 
# 
loop_
_pdbx_struct_sheet_hbond.sheet_id 
_pdbx_struct_sheet_hbond.range_id_1 
_pdbx_struct_sheet_hbond.range_id_2 
_pdbx_struct_sheet_hbond.range_1_label_atom_id 
_pdbx_struct_sheet_hbond.range_1_label_comp_id 
_pdbx_struct_sheet_hbond.range_1_label_asym_id 
_pdbx_struct_sheet_hbond.range_1_label_seq_id 
_pdbx_struct_sheet_hbond.range_1_PDB_ins_code 
_pdbx_struct_sheet_hbond.range_1_auth_atom_id 
_pdbx_struct_sheet_hbond.range_1_auth_comp_id 
_pdbx_struct_sheet_hbond.range_1_auth_asym_id 
_pdbx_struct_sheet_hbond.range_1_auth_seq_id 
_pdbx_struct_sheet_hbond.range_2_label_atom_id 
_pdbx_struct_sheet_hbond.range_2_label_comp_id 
_pdbx_struct_sheet_hbond.range_2_label_asym_id 
_pdbx_struct_sheet_hbond.range_2_label_seq_id 
_pdbx_struct_sheet_hbond.range_2_PDB_ins_code 
_pdbx_struct_sheet_hbond.range_2_auth_atom_id 
_pdbx_struct_sheet_hbond.range_2_auth_comp_id 
_pdbx_struct_sheet_hbond.range_2_auth_asym_id 
_pdbx_struct_sheet_hbond.range_2_auth_seq_id 
A 1 2 N ILE A 5  ? N ILE A 5  O VAL A 31 ? O VAL A 31 
A 2 3 N HIS A 32 ? N HIS A 32 O GLU A 41 ? O GLU A 41 
A 3 4 N GLY A 42 ? N GLY A 42 O GLY A 49 ? O GLY A 49 
# 
loop_
_struct_site.id 
_struct_site.pdbx_evidence_code 
_struct_site.pdbx_auth_asym_id 
_struct_site.pdbx_auth_comp_id 
_struct_site.pdbx_auth_seq_id 
_struct_site.pdbx_auth_ins_code 
_struct_site.pdbx_num_residues 
_struct_site.details 
AC1 Software B SO4 11  ? 7 'BINDING SITE FOR RESIDUE SO4 B 11'  
AC2 Software A GOL 100 ? 8 'BINDING SITE FOR RESIDUE GOL A 100' 
# 
loop_
_struct_site_gen.id 
_struct_site_gen.site_id 
_struct_site_gen.pdbx_num_res 
_struct_site_gen.label_comp_id 
_struct_site_gen.label_asym_id 
_struct_site_gen.label_seq_id 
_struct_site_gen.pdbx_auth_ins_code 
_struct_site_gen.auth_comp_id 
_struct_site_gen.auth_asym_id 
_struct_site_gen.auth_seq_id 
_struct_site_gen.label_atom_id 
_struct_site_gen.label_alt_id 
_struct_site_gen.symmetry 
_struct_site_gen.details 
1  AC1 7 HIS A 32 ? HIS A 32  . ? 3_655 ? 
2  AC1 7 GLN A 33 ? GLN A 33  . ? 3_655 ? 
3  AC1 7 ARG A 48 ? ARG A 48  . ? 3_655 ? 
4  AC1 7 HOH E .  ? HOH A 127 . ? 1_655 ? 
5  AC1 7 PRO B 8  ? PRO B 8   . ? 1_555 ? 
6  AC1 7 ARG B 9  ? ARG B 9   . ? 1_555 ? 
7  AC1 7 HOH F .  ? HOH B 99  . ? 1_555 ? 
8  AC2 8 GLU A 20 ? GLU A 20  . ? 1_555 ? 
9  AC2 8 TRP A 39 ? TRP A 39  . ? 1_555 ? 
10 AC2 8 TRP A 50 ? TRP A 50  . ? 1_555 ? 
11 AC2 8 HOH E .  ? HOH A 104 . ? 1_555 ? 
12 AC2 8 HOH E .  ? HOH A 124 . ? 1_555 ? 
13 AC2 8 PRO B 2  ? PRO B 2   . ? 3_645 ? 
14 AC2 8 LYS B 3  ? LYS B 3   . ? 3_645 ? 
15 AC2 8 ARG B 9  ? ARG B 9   . ? 1_555 ? 
# 
_atom_sites.entry_id                    2DRK 
_atom_sites.fract_transf_matrix[1][1]   -0.00052595 
_atom_sites.fract_transf_matrix[1][2]   -0.02252323 
_atom_sites.fract_transf_matrix[1][3]   0.02067762 
_atom_sites.fract_transf_matrix[2][1]   -0.01758474 
_atom_sites.fract_transf_matrix[2][2]   0.01386714 
_atom_sites.fract_transf_matrix[2][3]   0.01465758 
_atom_sites.fract_transf_matrix[3][1]   -0.01719318 
_atom_sites.fract_transf_matrix[3][2]   -0.00991946 
_atom_sites.fract_transf_matrix[3][3]   -0.01124216 
_atom_sites.fract_transf_vector[1]      0.288046 
_atom_sites.fract_transf_vector[2]      0.011293 
_atom_sites.fract_transf_vector[3]      0.189741 
# 
loop_
_atom_type.symbol 
C 
N 
O 
S 
# 
loop_
_atom_site.group_PDB 
_atom_site.id 
_atom_site.type_symbol 
_atom_site.label_atom_id 
_atom_site.label_alt_id 
_atom_site.label_comp_id 
_atom_site.label_asym_id 
_atom_site.label_entity_id 
_atom_site.label_seq_id 
_atom_site.pdbx_PDB_ins_code 
_atom_site.Cartn_x 
_atom_site.Cartn_y 
_atom_site.Cartn_z 
_atom_site.occupancy 
_atom_site.B_iso_or_equiv 
_atom_site.pdbx_formal_charge 
_atom_site.auth_seq_id 
_atom_site.auth_comp_id 
_atom_site.auth_asym_id 
_atom_site.auth_atom_id 
_atom_site.pdbx_PDB_model_num 
ATOM   1   N N   . GLY A 1 1  ? 11.965  3.824   -17.258 1.00 10.22 ? 1   GLY A N   1 
ATOM   2   C CA  . GLY A 1 1  ? 10.963  4.481   -16.378 1.00 10.37 ? 1   GLY A CA  1 
ATOM   3   C C   . GLY A 1 1  ? 11.190  4.115   -14.935 1.00 10.78 ? 1   GLY A C   1 
ATOM   4   O O   . GLY A 1 1  ? 12.208  3.538   -14.588 1.00 10.63 ? 1   GLY A O   1 
ATOM   5   N N   . SER A 1 2  ? 10.217  4.456   -14.103 1.00 11.08 ? 2   SER A N   1 
ATOM   6   C CA  . SER A 1 2  ? 10.298  4.212   -12.671 1.00 11.70 ? 2   SER A CA  1 
ATOM   7   C C   . SER A 1 2  ? 10.342  2.706   -12.423 1.00 12.35 ? 2   SER A C   1 
ATOM   8   O O   . SER A 1 2  ? 9.845   1.937   -13.245 1.00 11.54 ? 2   SER A O   1 
ATOM   9   C CB  A SER A 1 2  ? 9.083   4.848   -11.980 0.50 11.94 ? 2   SER A CB  1 
ATOM   10  C CB  B SER A 1 2  ? 9.130   4.855   -11.927 0.50 11.99 ? 2   SER A CB  1 
ATOM   11  O OG  A SER A 1 2  ? 8.772   4.219   -10.753 0.50 11.91 ? 2   SER A OG  1 
ATOM   12  O OG  B SER A 1 2  ? 7.895   4.369   -12.396 0.50 12.10 ? 2   SER A OG  1 
ATOM   13  N N   . PRO A 1 3  ? 10.955  2.267   -11.325 1.00 13.55 ? 3   PRO A N   1 
ATOM   14  C CA  . PRO A 1 3  ? 11.040  0.828   -11.031 1.00 14.05 ? 3   PRO A CA  1 
ATOM   15  C C   . PRO A 1 3  ? 9.689   0.133   -10.854 1.00 14.37 ? 3   PRO A C   1 
ATOM   16  O O   . PRO A 1 3  ? 9.623   -1.090  -10.903 1.00 15.33 ? 3   PRO A O   1 
ATOM   17  C CB  . PRO A 1 3  ? 11.839  0.777   -9.729  1.00 14.43 ? 3   PRO A CB  1 
ATOM   18  C CG  . PRO A 1 3  ? 12.536  2.080   -9.653  1.00 14.88 ? 3   PRO A CG  1 
ATOM   19  C CD  . PRO A 1 3  ? 11.641  3.076   -10.297 1.00 13.77 ? 3   PRO A CD  1 
ATOM   20  N N   . GLY A 1 4  ? 8.630   0.898   -10.647 1.00 14.57 ? 4   GLY A N   1 
ATOM   21  C CA  . GLY A 1 4  ? 7.293   0.349   -10.636 1.00 15.06 ? 4   GLY A CA  1 
ATOM   22  C C   . GLY A 1 4  ? 6.242   1.419   -10.808 1.00 15.29 ? 4   GLY A C   1 
ATOM   23  O O   . GLY A 1 4  ? 6.537   2.581   -11.081 1.00 15.74 ? 4   GLY A O   1 
ATOM   24  N N   . ILE A 1 5  ? 5.002   1.001   -10.617 1.00 15.48 ? 5   ILE A N   1 
ATOM   25  C CA  . ILE A 1 5  ? 3.841   1.868   -10.687 1.00 15.76 ? 5   ILE A CA  1 
ATOM   26  C C   . ILE A 1 5  ? 3.811   2.761   -9.444  1.00 14.78 ? 5   ILE A C   1 
ATOM   27  O O   . ILE A 1 5  ? 3.620   2.271   -8.346  1.00 15.27 ? 5   ILE A O   1 
ATOM   28  C CB  . ILE A 1 5  ? 2.556   0.983   -10.736 1.00 16.26 ? 5   ILE A CB  1 
ATOM   29  C CG1 . ILE A 1 5  ? 2.605   0.007   -11.922 1.00 18.02 ? 5   ILE A CG1 1 
ATOM   30  C CG2 . ILE A 1 5  ? 1.305   1.828   -10.800 1.00 17.10 ? 5   ILE A CG2 1 
ATOM   31  C CD1 . ILE A 1 5  ? 2.720   -1.453  -11.512 1.00 19.69 ? 5   ILE A CD1 1 
ATOM   32  N N   . GLN A 1 6  ? 3.964   4.069   -9.610  1.00 13.94 ? 6   GLN A N   1 
ATOM   33  C CA  . GLN A 1 6  ? 3.868   4.988   -8.479  1.00 13.62 ? 6   GLN A CA  1 
ATOM   34  C C   . GLN A 1 6  ? 2.420   5.417   -8.249  1.00 12.60 ? 6   GLN A C   1 
ATOM   35  O O   . GLN A 1 6  ? 1.775   5.923   -9.160  1.00 13.24 ? 6   GLN A O   1 
ATOM   36  C CB  . GLN A 1 6  ? 4.718   6.225   -8.715  1.00 14.23 ? 6   GLN A CB  1 
ATOM   37  C CG  . GLN A 1 6  ? 6.197   5.957   -8.810  1.00 16.48 ? 6   GLN A CG  1 
ATOM   38  C CD  . GLN A 1 6  ? 6.968   7.229   -9.045  1.00 19.53 ? 6   GLN A CD  1 
ATOM   39  O OE1 . GLN A 1 6  ? 6.933   7.781   -10.142 1.00 23.44 ? 6   GLN A OE1 1 
ATOM   40  N NE2 . GLN A 1 6  ? 7.637   7.718   -8.016  1.00 21.51 ? 6   GLN A NE2 1 
ATOM   41  N N   . VAL A 1 7  ? 1.916   5.222   -7.035  1.00 11.03 ? 7   VAL A N   1 
ATOM   42  C CA  . VAL A 1 7  ? 0.540   5.586   -6.691  1.00 10.99 ? 7   VAL A CA  1 
ATOM   43  C C   . VAL A 1 7  ? 0.506   6.358   -5.380  1.00 10.48 ? 7   VAL A C   1 
ATOM   44  O O   . VAL A 1 7  ? 1.348   6.156   -4.517  1.00 10.53 ? 7   VAL A O   1 
ATOM   45  C CB  . VAL A 1 7  ? -0.375  4.342   -6.559  1.00 11.37 ? 7   VAL A CB  1 
ATOM   46  C CG1 . VAL A 1 7  ? -0.477  3.602   -7.895  1.00 12.46 ? 7   VAL A CG1 1 
ATOM   47  C CG2 . VAL A 1 7  ? 0.104   3.413   -5.463  1.00 12.25 ? 7   VAL A CG2 1 
ATOM   48  N N   . LYS A 1 8  ? -0.481  7.226   -5.223  1.00 10.08 ? 8   LYS A N   1 
ATOM   49  C CA  . LYS A 1 8  ? -0.596  8.033   -4.011  1.00 10.15 ? 8   LYS A CA  1 
ATOM   50  C C   . LYS A 1 8  ? -1.437  7.314   -2.964  1.00 9.31  ? 8   LYS A C   1 
ATOM   51  O O   . LYS A 1 8  ? -2.466  6.728   -3.281  1.00 9.03  ? 8   LYS A O   1 
ATOM   52  C CB  . LYS A 1 8  ? -1.221  9.395   -4.327  1.00 10.98 ? 8   LYS A CB  1 
ATOM   53  C CG  . LYS A 1 8  ? -0.294  10.348  -5.092  1.00 14.33 ? 8   LYS A CG  1 
ATOM   54  C CD  . LYS A 1 8  ? 0.968   10.671  -4.290  1.00 17.36 ? 8   LYS A CD  1 
ATOM   55  C CE  . LYS A 1 8  ? 1.640   11.961  -4.736  1.00 19.76 ? 8   LYS A CE  1 
ATOM   56  N NZ  . LYS A 1 8  ? 1.926   12.841  -3.563  1.00 22.22 ? 8   LYS A NZ  1 
ATOM   57  N N   . ALA A 1 9  ? -0.997  7.366   -1.713  1.00 8.61  ? 9   ALA A N   1 
ATOM   58  C CA  . ALA A 1 9  ? -1.798  6.890   -0.589  1.00 8.16  ? 9   ALA A CA  1 
ATOM   59  C C   . ALA A 1 9  ? -2.926  7.876   -0.328  1.00 8.59  ? 9   ALA A C   1 
ATOM   60  O O   . ALA A 1 9  ? -2.702  9.082   -0.254  1.00 8.50  ? 9   ALA A O   1 
ATOM   61  C CB  . ALA A 1 9  ? -0.933  6.742   0.646   1.00 7.99  ? 9   ALA A CB  1 
ATOM   62  N N   . LEU A 1 10 ? -4.134  7.352   -0.175  1.00 8.44  ? 10  LEU A N   1 
ATOM   63  C CA  . LEU A 1 10 ? -5.325  8.156   0.086   1.00 8.76  ? 10  LEU A CA  1 
ATOM   64  C C   . LEU A 1 10 ? -5.602  8.365   1.570   1.00 8.50  ? 10  LEU A C   1 
ATOM   65  O O   . LEU A 1 10 ? -6.344  9.267   1.934   1.00 8.60  ? 10  LEU A O   1 
ATOM   66  C CB  . LEU A 1 10 ? -6.550  7.478   -0.531  1.00 9.27  ? 10  LEU A CB  1 
ATOM   67  C CG  . LEU A 1 10 ? -6.596  7.311   -2.048  1.00 10.72 ? 10  LEU A CG  1 
ATOM   68  C CD1 . LEU A 1 10 ? -7.809  6.476   -2.436  1.00 12.98 ? 10  LEU A CD1 1 
ATOM   69  C CD2 . LEU A 1 10 ? -6.626  8.656   -2.740  1.00 12.15 ? 10  LEU A CD2 1 
ATOM   70  N N   . TYR A 1 11 ? -5.066  7.491   2.417   1.00 7.84  ? 11  TYR A N   1 
ATOM   71  C CA  . TYR A 1 11 ? -5.289  7.553   3.863   1.00 7.83  ? 11  TYR A CA  1 
ATOM   72  C C   . TYR A 1 11 ? -4.036  7.100   4.585   1.00 7.58  ? 11  TYR A C   1 
ATOM   73  O O   . TYR A 1 11 ? -3.200  6.398   4.010   1.00 7.64  ? 11  TYR A O   1 
ATOM   74  C CB  . TYR A 1 11 ? -6.456  6.646   4.311   1.00 7.73  ? 11  TYR A CB  1 
ATOM   75  C CG  . TYR A 1 11 ? -7.576  6.491   3.313   1.00 8.27  ? 11  TYR A CG  1 
ATOM   76  C CD1 . TYR A 1 11 ? -7.522  5.498   2.355   1.00 7.86  ? 11  TYR A CD1 1 
ATOM   77  C CD2 . TYR A 1 11 ? -8.681  7.337   3.325   1.00 8.39  ? 11  TYR A CD2 1 
ATOM   78  C CE1 . TYR A 1 11 ? -8.525  5.345   1.421   1.00 9.40  ? 11  TYR A CE1 1 
ATOM   79  C CE2 . TYR A 1 11 ? -9.701  7.193   2.388   1.00 9.40  ? 11  TYR A CE2 1 
ATOM   80  C CZ  . TYR A 1 11 ? -9.606  6.193   1.439   1.00 9.50  ? 11  TYR A CZ  1 
ATOM   81  O OH  . TYR A 1 11 ? -10.580 6.020   0.482   1.00 11.24 ? 11  TYR A OH  1 
ATOM   82  N N   . ASP A 1 12 ? -3.915  7.490   5.847   1.00 7.81  ? 12  ASP A N   1 
ATOM   83  C CA  . ASP A 1 12 ? -2.873  6.951   6.714   1.00 7.94  ? 12  ASP A CA  1 
ATOM   84  C C   . ASP A 1 12 ? -3.145  5.473   6.998   1.00 7.71  ? 12  ASP A C   1 
ATOM   85  O O   . ASP A 1 12 ? -4.298  5.068   7.180   1.00 8.18  ? 12  ASP A O   1 
ATOM   86  C CB  . ASP A 1 12 ? -2.842  7.649   8.076   1.00 8.39  ? 12  ASP A CB  1 
ATOM   87  C CG  . ASP A 1 12 ? -2.491  9.121   8.017   1.00 9.31  ? 12  ASP A CG  1 
ATOM   88  O OD1 . ASP A 1 12 ? -2.142  9.682   6.962   1.00 9.66  ? 12  ASP A OD1 1 
ATOM   89  O OD2 . ASP A 1 12 ? -2.537  9.805   9.055   1.00 13.57 ? 12  ASP A OD2 1 
ATOM   90  N N   . TYR A 1 13 ? -2.082  4.674   7.042   1.00 7.29  ? 13  TYR A N   1 
ATOM   91  C CA  . TYR A 1 13 ? -2.178  3.272   7.448   1.00 7.29  ? 13  TYR A CA  1 
ATOM   92  C C   . TYR A 1 13 ? -0.996  2.913   8.347   1.00 7.38  ? 13  TYR A C   1 
ATOM   93  O O   . TYR A 1 13 ? 0.157   3.183   8.000   1.00 7.17  ? 13  TYR A O   1 
ATOM   94  C CB  . TYR A 1 13 ? -2.210  2.339   6.230   1.00 7.31  ? 13  TYR A CB  1 
ATOM   95  C CG  . TYR A 1 13 ? -2.305  0.893   6.654   1.00 7.18  ? 13  TYR A CG  1 
ATOM   96  C CD1 . TYR A 1 13 ? -3.483  0.389   7.195   1.00 7.40  ? 13  TYR A CD1 1 
ATOM   97  C CD2 . TYR A 1 13 ? -1.206  0.047   6.576   1.00 7.30  ? 13  TYR A CD2 1 
ATOM   98  C CE1 . TYR A 1 13 ? -3.570  -0.931  7.624   1.00 8.39  ? 13  TYR A CE1 1 
ATOM   99  C CE2 . TYR A 1 13 ? -1.279  -1.266  7.001   1.00 8.36  ? 13  TYR A CE2 1 
ATOM   100 C CZ  . TYR A 1 13 ? -2.464  -1.747  7.527   1.00 7.80  ? 13  TYR A CZ  1 
ATOM   101 O OH  . TYR A 1 13 ? -2.559  -3.043  7.971   1.00 9.12  ? 13  TYR A OH  1 
ATOM   102 N N   . ASP A 1 14 ? -1.295  2.307   9.497   1.00 7.79  ? 14  ASP A N   1 
ATOM   103 C CA  . ASP A 1 14 ? -0.278  1.802   10.415  1.00 8.36  ? 14  ASP A CA  1 
ATOM   104 C C   . ASP A 1 14 ? -0.148  0.294   10.260  1.00 8.03  ? 14  ASP A C   1 
ATOM   105 O O   . ASP A 1 14 ? -1.098  -0.439  10.479  1.00 8.32  ? 14  ASP A O   1 
ATOM   106 C CB  . ASP A 1 14 ? -0.646  2.141   11.862  1.00 8.89  ? 14  ASP A CB  1 
ATOM   107 C CG  . ASP A 1 14 ? -0.674  3.627   12.116  1.00 11.93 ? 14  ASP A CG  1 
ATOM   108 O OD1 . ASP A 1 14 ? 0.268   4.326   11.688  1.00 13.84 ? 14  ASP A OD1 1 
ATOM   109 O OD2 . ASP A 1 14 ? -1.618  4.183   12.718  1.00 15.98 ? 14  ASP A OD2 1 
ATOM   110 N N   . ALA A 1 15 ? 1.037   -0.164  9.875   1.00 8.09  ? 15  ALA A N   1 
ATOM   111 C CA  . ALA A 1 15 ? 1.304   -1.589  9.701   1.00 8.33  ? 15  ALA A CA  1 
ATOM   112 C C   . ALA A 1 15 ? 0.926   -2.395  10.938  1.00 9.02  ? 15  ALA A C   1 
ATOM   113 O O   . ALA A 1 15 ? 1.254   -2.011  12.062  1.00 9.61  ? 15  ALA A O   1 
ATOM   114 C CB  . ALA A 1 15 ? 2.760   -1.805  9.402   1.00 8.29  ? 15  ALA A CB  1 
ATOM   115 N N   . GLN A 1 16 ? 0.253   -3.516  10.712  1.00 9.62  ? 16  GLN A N   1 
ATOM   116 C CA  . GLN A 1 16 ? -0.145  -4.432  11.775  1.00 10.36 ? 16  GLN A CA  1 
ATOM   117 C C   . GLN A 1 16 ? 0.716   -5.699  11.800  1.00 10.45 ? 16  GLN A C   1 
ATOM   118 O O   . GLN A 1 16 ? 0.546   -6.542  12.675  1.00 10.82 ? 16  GLN A O   1 
ATOM   119 C CB  . GLN A 1 16 ? -1.628  -4.778  11.627  1.00 10.44 ? 16  GLN A CB  1 
ATOM   120 C CG  . GLN A 1 16 ? -2.543  -3.567  11.769  1.00 12.01 ? 16  GLN A CG  1 
ATOM   121 C CD  . GLN A 1 16 ? -2.394  -2.900  13.121  1.00 14.01 ? 16  GLN A CD  1 
ATOM   122 O OE1 . GLN A 1 16 ? -2.991  -3.348  14.094  1.00 15.68 ? 16  GLN A OE1 1 
ATOM   123 N NE2 . GLN A 1 16 ? -1.570  -1.854  13.195  1.00 15.03 ? 16  GLN A NE2 1 
ATOM   124 N N   . THR A 1 17 ? 1.618   -5.832  10.828  1.00 10.26 ? 17  THR A N   1 
ATOM   125 C CA  . THR A 1 17 ? 2.700   -6.823  10.867  1.00 9.90  ? 17  THR A CA  1 
ATOM   126 C C   . THR A 1 17 ? 4.000   -6.191  10.381  1.00 9.96  ? 17  THR A C   1 
ATOM   127 O O   . THR A 1 17 ? 3.999   -5.115  9.781   1.00 9.75  ? 17  THR A O   1 
ATOM   128 C CB  . THR A 1 17 ? 2.414   -8.048  9.970   1.00 10.38 ? 17  THR A CB  1 
ATOM   129 O OG1 . THR A 1 17 ? 2.774   -7.741  8.610   1.00 9.90  ? 17  THR A OG1 1 
ATOM   130 C CG2 . THR A 1 17 ? 0.943   -8.415  9.923   1.00 10.78 ? 17  THR A CG2 1 
ATOM   131 N N   . GLY A 1 18 ? 5.108   -6.884  10.600  1.00 10.03 ? 18  GLY A N   1 
ATOM   132 C CA  . GLY A 1 18 ? 6.410   -6.418  10.157  1.00 9.88  ? 18  GLY A CA  1 
ATOM   133 C C   . GLY A 1 18 ? 6.598   -6.395  8.647   1.00 9.70  ? 18  GLY A C   1 
ATOM   134 O O   . GLY A 1 18 ? 7.504   -5.723  8.150   1.00 10.12 ? 18  GLY A O   1 
ATOM   135 N N   . ASP A 1 19 ? 5.765   -7.146  7.926   1.00 9.59  ? 19  ASP A N   1 
ATOM   136 C CA  . ASP A 1 19 ? 5.852   -7.223  6.471   1.00 9.48  ? 19  ASP A CA  1 
ATOM   137 C C   . ASP A 1 19 ? 4.870   -6.305  5.763   1.00 8.59  ? 19  ASP A C   1 
ATOM   138 O O   . ASP A 1 19 ? 4.829   -6.314  4.538   1.00 8.92  ? 19  ASP A O   1 
ATOM   139 C CB  . ASP A 1 19 ? 5.649   -8.662  5.982   1.00 10.24 ? 19  ASP A CB  1 
ATOM   140 C CG  . ASP A 1 19 ? 6.926   -9.465  6.027   1.00 12.56 ? 19  ASP A CG  1 
ATOM   141 O OD1 . ASP A 1 19 ? 7.256   -9.961  7.119   1.00 17.04 ? 19  ASP A OD1 1 
ATOM   142 O OD2 . ASP A 1 19 ? 7.657   -9.641  5.026   1.00 14.92 ? 19  ASP A OD2 1 
ATOM   143 N N   . GLU A 1 20 ? 4.099   -5.524  6.519   1.00 7.72  ? 20  GLU A N   1 
ATOM   144 C CA  . GLU A 1 20 ? 3.281   -4.454  5.955   1.00 7.26  ? 20  GLU A CA  1 
ATOM   145 C C   . GLU A 1 20 ? 4.018   -3.123  6.017   1.00 7.64  ? 20  GLU A C   1 
ATOM   146 O O   . GLU A 1 20 ? 4.922   -2.934  6.829   1.00 8.05  ? 20  GLU A O   1 
ATOM   147 C CB  . GLU A 1 20 ? 1.957   -4.322  6.703   1.00 7.02  ? 20  GLU A CB  1 
ATOM   148 C CG  . GLU A 1 20 ? 1.052   -5.538  6.567   1.00 6.44  ? 20  GLU A CG  1 
ATOM   149 C CD  . GLU A 1 20 ? -0.203  -5.449  7.411   1.00 6.99  ? 20  GLU A CD  1 
ATOM   150 O OE1 . GLU A 1 20 ? -0.385  -4.442  8.117   1.00 7.09  ? 20  GLU A OE1 1 
ATOM   151 O OE2 . GLU A 1 20 ? -1.001  -6.406  7.375   1.00 8.03  ? 20  GLU A OE2 1 
ATOM   152 N N   . LEU A 1 21 ? 3.617   -2.206  5.143   1.00 7.45  ? 21  LEU A N   1 
ATOM   153 C CA  . LEU A 1 21 ? 4.132   -0.843  5.146   1.00 7.25  ? 21  LEU A CA  1 
ATOM   154 C C   . LEU A 1 21 ? 3.255   0.077   5.978   1.00 7.21  ? 21  LEU A C   1 
ATOM   155 O O   . LEU A 1 21 ? 2.036   -0.031  5.949   1.00 8.92  ? 21  LEU A O   1 
ATOM   156 C CB  . LEU A 1 21 ? 4.195   -0.308  3.715   1.00 7.47  ? 21  LEU A CB  1 
ATOM   157 C CG  . LEU A 1 21 ? 5.097   -1.100  2.769   1.00 8.47  ? 21  LEU A CG  1 
ATOM   158 C CD1 . LEU A 1 21 ? 5.186   -0.396  1.418   1.00 10.04 ? 21  LEU A CD1 1 
ATOM   159 C CD2 . LEU A 1 21 ? 6.488   -1.316  3.348   1.00 10.09 ? 21  LEU A CD2 1 
ATOM   160 N N   . THR A 1 22 ? 3.892   0.977   6.714   1.00 6.86  ? 22  THR A N   1 
ATOM   161 C CA  . THR A 1 22 ? 3.231   2.104   7.344   1.00 6.63  ? 22  THR A CA  1 
ATOM   162 C C   . THR A 1 22 ? 3.404   3.312   6.428   1.00 6.42  ? 22  THR A C   1 
ATOM   163 O O   . THR A 1 22 ? 4.483   3.540   5.898   1.00 6.94  ? 22  THR A O   1 
ATOM   164 C CB  . THR A 1 22 ? 3.884   2.387   8.707   1.00 6.36  ? 22  THR A CB  1 
ATOM   165 O OG1 . THR A 1 22 ? 3.535   1.351   9.633   1.00 8.00  ? 22  THR A OG1 1 
ATOM   166 C CG2 . THR A 1 22 ? 3.351   3.660   9.330   1.00 6.06  ? 22  THR A CG2 1 
ATOM   167 N N   . PHE A 1 23 ? 2.337   4.078   6.246   1.00 6.45  ? 23  PHE A N   1 
ATOM   168 C CA  . PHE A 1 23 ? 2.398   5.254   5.396   1.00 6.53  ? 23  PHE A CA  1 
ATOM   169 C C   . PHE A 1 23 ? 1.355   6.284   5.787   1.00 7.00  ? 23  PHE A C   1 
ATOM   170 O O   . PHE A 1 23 ? 0.488   6.036   6.624   1.00 6.65  ? 23  PHE A O   1 
ATOM   171 C CB  . PHE A 1 23 ? 2.267   4.847   3.917   1.00 6.59  ? 23  PHE A CB  1 
ATOM   172 C CG  . PHE A 1 23 ? 1.047   4.027   3.606   1.00 6.40  ? 23  PHE A CG  1 
ATOM   173 C CD1 . PHE A 1 23 ? -0.175  4.637   3.369   1.00 6.89  ? 23  PHE A CD1 1 
ATOM   174 C CD2 . PHE A 1 23 ? 1.134   2.643   3.515   1.00 7.27  ? 23  PHE A CD2 1 
ATOM   175 C CE1 . PHE A 1 23 ? -1.295  3.877   3.064   1.00 6.12  ? 23  PHE A CE1 1 
ATOM   176 C CE2 . PHE A 1 23 ? 0.019   1.876   3.207   1.00 6.31  ? 23  PHE A CE2 1 
ATOM   177 C CZ  . PHE A 1 23 ? -1.203  2.495   2.990   1.00 6.96  ? 23  PHE A CZ  1 
ATOM   178 N N   . LYS A 1 24 ? 1.472   7.460   5.189   1.00 7.44  ? 24  LYS A N   1 
ATOM   179 C CA  . LYS A 1 24 ? 0.555   8.561   5.443   1.00 8.12  ? 24  LYS A CA  1 
ATOM   180 C C   . LYS A 1 24 ? -0.122  8.967   4.154   1.00 8.16  ? 24  LYS A C   1 
ATOM   181 O O   . LYS A 1 24 ? 0.416   8.774   3.066   1.00 7.60  ? 24  LYS A O   1 
ATOM   182 C CB  . LYS A 1 24 ? 1.306   9.766   6.023   1.00 8.61  ? 24  LYS A CB  1 
ATOM   183 C CG  . LYS A 1 24 ? 1.836   9.545   7.438   1.00 10.96 ? 24  LYS A CG  1 
ATOM   184 C CD  . LYS A 1 24 ? 2.070   10.855  8.180   1.00 14.21 ? 24  LYS A CD  1 
ATOM   185 C CE  . LYS A 1 24 ? 2.621   10.607  9.578   1.00 15.74 ? 24  LYS A CE  1 
ATOM   186 N NZ  . LYS A 1 24 ? 2.864   11.880  10.333  1.00 18.78 ? 24  LYS A NZ  1 
ATOM   187 N N   . GLU A 1 25 ? -1.317  9.529   4.275   1.00 8.45  ? 25  GLU A N   1 
ATOM   188 C CA  . GLU A 1 25 ? -1.958  10.177  3.147   1.00 8.35  ? 25  GLU A CA  1 
ATOM   189 C C   . GLU A 1 25 ? -0.938  11.070  2.443   1.00 7.93  ? 25  GLU A C   1 
ATOM   190 O O   . GLU A 1 25 ? -0.230  11.851  3.088   1.00 8.24  ? 25  GLU A O   1 
ATOM   191 C CB  . GLU A 1 25 ? -3.159  11.002  3.602   1.00 8.77  ? 25  GLU A CB  1 
ATOM   192 C CG  . GLU A 1 25 ? -3.912  11.656  2.456   1.00 10.53 ? 25  GLU A CG  1 
ATOM   193 C CD  . GLU A 1 25 ? -5.106  12.478  2.898   1.00 13.74 ? 25  GLU A CD  1 
ATOM   194 O OE1 . GLU A 1 25 ? -5.369  12.570  4.115   1.00 16.52 ? 25  GLU A OE1 1 
ATOM   195 O OE2 . GLU A 1 25 ? -5.790  13.029  2.006   1.00 16.22 ? 25  GLU A OE2 1 
ATOM   196 N N   . GLY A 1 26 ? -0.852  10.921  1.122   1.00 8.12  ? 26  GLY A N   1 
ATOM   197 C CA  . GLY A 1 26 ? 0.068   11.695  0.314   1.00 8.08  ? 26  GLY A CA  1 
ATOM   198 C C   . GLY A 1 26 ? 1.404   11.043  0.027   1.00 7.82  ? 26  GLY A C   1 
ATOM   199 O O   . GLY A 1 26 ? 2.138   11.520  -0.825  1.00 9.03  ? 26  GLY A O   1 
ATOM   200 N N   . ASP A 1 27 ? 1.737   9.956   0.717   1.00 7.10  ? 27  ASP A N   1 
ATOM   201 C CA  . ASP A 1 27 ? 2.938   9.200   0.376   1.00 7.07  ? 27  ASP A CA  1 
ATOM   202 C C   . ASP A 1 27 ? 2.824   8.626   -1.031  1.00 7.39  ? 27  ASP A C   1 
ATOM   203 O O   . ASP A 1 27 ? 1.732   8.308   -1.490  1.00 7.55  ? 27  ASP A O   1 
ATOM   204 C CB  . ASP A 1 27 ? 3.168   8.059   1.368   1.00 6.88  ? 27  ASP A CB  1 
ATOM   205 C CG  . ASP A 1 27 ? 4.129   8.432   2.470   1.00 7.44  ? 27  ASP A CG  1 
ATOM   206 O OD1 . ASP A 1 27 ? 3.812   8.198   3.656   1.00 6.78  ? 27  ASP A OD1 1 
ATOM   207 O OD2 . ASP A 1 27 ? 5.236   8.938   2.209   1.00 7.43  ? 27  ASP A OD2 1 
ATOM   208 N N   . THR A 1 28 ? 3.958   8.523   -1.714  1.00 8.05  ? 28  THR A N   1 
ATOM   209 C CA  . THR A 1 28 ? 4.039   7.844   -2.996  1.00 8.86  ? 28  THR A CA  1 
ATOM   210 C C   . THR A 1 28 ? 4.535   6.422   -2.775  1.00 8.83  ? 28  THR A C   1 
ATOM   211 O O   . THR A 1 28 ? 5.664   6.207   -2.346  1.00 9.32  ? 28  THR A O   1 
ATOM   212 C CB  . THR A 1 28 ? 4.988   8.601   -3.936  1.00 9.26  ? 28  THR A CB  1 
ATOM   213 O OG1 . THR A 1 28 ? 4.484   9.927   -4.146  1.00 11.76 ? 28  THR A OG1 1 
ATOM   214 C CG2 . THR A 1 28 ? 4.994   7.976   -5.322  1.00 10.70 ? 28  THR A CG2 1 
ATOM   215 N N   . ILE A 1 29 ? 3.670   5.454   -3.042  1.00 8.82  ? 29  ILE A N   1 
ATOM   216 C CA  . ILE A 1 29 ? 4.012   4.045   -2.920  1.00 9.13  ? 29  ILE A CA  1 
ATOM   217 C C   . ILE A 1 29 ? 4.418   3.515   -4.291  1.00 8.82  ? 29  ILE A C   1 
ATOM   218 O O   . ILE A 1 29 ? 3.731   3.755   -5.279  1.00 8.37  ? 29  ILE A O   1 
ATOM   219 C CB  . ILE A 1 29 ? 2.799   3.239   -2.410  1.00 9.82  ? 29  ILE A CB  1 
ATOM   220 C CG1 . ILE A 1 29 ? 2.205   3.831   -1.123  1.00 12.34 ? 29  ILE A CG1 1 
ATOM   221 C CG2 . ILE A 1 29 ? 3.170   1.779   -2.227  1.00 9.96  ? 29  ILE A CG2 1 
ATOM   222 C CD1 . ILE A 1 29 ? 3.139   3.955   0.014   1.00 14.36 ? 29  ILE A CD1 1 
ATOM   223 N N   . ILE A 1 30 ? 5.529   2.793   -4.350  1.00 8.69  ? 30  ILE A N   1 
ATOM   224 C CA  . ILE A 1 30 ? 5.920   2.092   -5.570  1.00 9.50  ? 30  ILE A CA  1 
ATOM   225 C C   . ILE A 1 30 ? 5.282   0.713   -5.535  1.00 9.09  ? 30  ILE A C   1 
ATOM   226 O O   . ILE A 1 30 ? 5.597   -0.092  -4.671  1.00 9.95  ? 30  ILE A O   1 
ATOM   227 C CB  . ILE A 1 30 ? 7.445   1.949   -5.672  1.00 10.07 ? 30  ILE A CB  1 
ATOM   228 C CG1 . ILE A 1 30 ? 8.114   3.323   -5.673  1.00 11.71 ? 30  ILE A CG1 1 
ATOM   229 C CG2 . ILE A 1 30 ? 7.818   1.156   -6.928  1.00 10.87 ? 30  ILE A CG2 1 
ATOM   230 C CD1 . ILE A 1 30 ? 9.587   3.279   -5.298  1.00 13.96 ? 30  ILE A CD1 1 
ATOM   231 N N   . VAL A 1 31 ? 4.394   0.442   -6.481  1.00 8.71  ? 31  VAL A N   1 
ATOM   232 C CA  . VAL A 1 31 ? 3.737   -0.854  -6.580  1.00 8.77  ? 31  VAL A CA  1 
ATOM   233 C C   . VAL A 1 31 ? 4.545   -1.781  -7.478  1.00 8.23  ? 31  VAL A C   1 
ATOM   234 O O   . VAL A 1 31 ? 4.827   -1.473  -8.634  1.00 8.19  ? 31  VAL A O   1 
ATOM   235 C CB  . VAL A 1 31 ? 2.296   -0.724  -7.104  1.00 9.10  ? 31  VAL A CB  1 
ATOM   236 C CG1 . VAL A 1 31 ? 1.670   -2.096  -7.308  1.00 8.52  ? 31  VAL A CG1 1 
ATOM   237 C CG2 . VAL A 1 31 ? 1.459   0.104   -6.141  1.00 10.32 ? 31  VAL A CG2 1 
ATOM   238 N N   . HIS A 1 32 ? 4.912   -2.930  -6.928  1.00 7.39  ? 32  HIS A N   1 
ATOM   239 C CA  . HIS A 1 32 ? 5.641   -3.949  -7.670  1.00 7.09  ? 32  HIS A CA  1 
ATOM   240 C C   . HIS A 1 32 ? 4.722   -5.006  -8.286  1.00 6.74  ? 32  HIS A C   1 
ATOM   241 O O   . HIS A 1 32 ? 4.933   -5.432  -9.424  1.00 7.44  ? 32  HIS A O   1 
ATOM   242 C CB  . HIS A 1 32 ? 6.674   -4.594  -6.750  1.00 6.88  ? 32  HIS A CB  1 
ATOM   243 C CG  . HIS A 1 32 ? 7.805   -3.683  -6.416  1.00 7.78  ? 32  HIS A CG  1 
ATOM   244 N ND1 . HIS A 1 32 ? 8.723   -3.277  -7.357  1.00 11.11 ? 32  HIS A ND1 1 
ATOM   245 C CD2 . HIS A 1 32 ? 8.150   -3.068  -5.260  1.00 10.50 ? 32  HIS A CD2 1 
ATOM   246 C CE1 . HIS A 1 32 ? 9.592   -2.455  -6.795  1.00 10.86 ? 32  HIS A CE1 1 
ATOM   247 N NE2 . HIS A 1 32 ? 9.270   -2.317  -5.522  1.00 10.79 ? 32  HIS A NE2 1 
ATOM   248 N N   . GLN A 1 33 ? 3.719   -5.447  -7.533  1.00 6.39  ? 33  GLN A N   1 
ATOM   249 C CA  . GLN A 1 33 ? 2.725   -6.381  -8.056  1.00 6.55  ? 33  GLN A CA  1 
ATOM   250 C C   . GLN A 1 33 ? 1.353   -6.076  -7.488  1.00 6.65  ? 33  GLN A C   1 
ATOM   251 O O   . GLN A 1 33 ? 1.216   -5.737  -6.311  1.00 6.72  ? 33  GLN A O   1 
ATOM   252 C CB  . GLN A 1 33 ? 3.087   -7.824  -7.710  1.00 6.28  ? 33  GLN A CB  1 
ATOM   253 C CG  . GLN A 1 33 ? 4.485   -8.280  -8.131  1.00 7.15  ? 33  GLN A CG  1 
ATOM   254 C CD  . GLN A 1 33 ? 4.671   -8.412  -9.631  1.00 7.97  ? 33  GLN A CD  1 
ATOM   255 O OE1 . GLN A 1 33 ? 3.710   -8.577  -10.378 1.00 9.76  ? 33  GLN A OE1 1 
ATOM   256 N NE2 . GLN A 1 33 ? 5.921   -8.351  -10.066 1.00 9.26  ? 33  GLN A NE2 1 
ATOM   257 N N   . LYS A 1 34 ? 0.341   -6.218  -8.339  1.00 7.18  ? 34  LYS A N   1 
ATOM   258 C CA  . LYS A 1 34 ? -1.059  -6.094  -7.944  1.00 7.34  ? 34  LYS A CA  1 
ATOM   259 C C   . LYS A 1 34 ? -1.607  -7.479  -7.608  1.00 7.23  ? 34  LYS A C   1 
ATOM   260 O O   . LYS A 1 34 ? -2.492  -8.015  -8.283  1.00 7.51  ? 34  LYS A O   1 
ATOM   261 C CB  . LYS A 1 34 ? -1.865  -5.432  -9.062  1.00 7.57  ? 34  LYS A CB  1 
ATOM   262 C CG  . LYS A 1 34 ? -1.438  -4.007  -9.356  1.00 7.98  ? 34  LYS A CG  1 
ATOM   263 C CD  . LYS A 1 34 ? -2.413  -3.340  -10.323 1.00 9.38  ? 34  LYS A CD  1 
ATOM   264 C CE  . LYS A 1 34 ? -2.049  -1.905  -10.624 1.00 10.30 ? 34  LYS A CE  1 
ATOM   265 N NZ  . LYS A 1 34 ? -2.962  -1.332  -11.651 1.00 12.07 ? 34  LYS A NZ  1 
ATOM   266 N N   . ASP A 1 35 ? -1.085  -8.059  -6.537  1.00 7.18  ? 35  ASP A N   1 
ATOM   267 C CA  . ASP A 1 35 ? -1.430  -9.429  -6.183  1.00 7.00  ? 35  ASP A CA  1 
ATOM   268 C C   . ASP A 1 35 ? -2.924  -9.550  -5.938  1.00 6.94  ? 35  ASP A C   1 
ATOM   269 O O   . ASP A 1 35 ? -3.538  -8.640  -5.390  1.00 6.96  ? 35  ASP A O   1 
ATOM   270 C CB  . ASP A 1 35 ? -0.726  -9.877  -4.903  1.00 6.87  ? 35  ASP A CB  1 
ATOM   271 C CG  . ASP A 1 35 ? 0.758   -9.639  -4.928  1.00 7.27  ? 35  ASP A CG  1 
ATOM   272 O OD1 . ASP A 1 35 ? 1.191   -8.467  -5.016  1.00 7.53  ? 35  ASP A OD1 1 
ATOM   273 O OD2 . ASP A 1 35 ? 1.564   -10.576 -4.814  1.00 7.71  ? 35  ASP A OD2 1 
ATOM   274 N N   . PRO A 1 36 ? -3.506  -10.688 -6.298  1.00 7.07  ? 36  PRO A N   1 
ATOM   275 C CA  . PRO A 1 36 ? -4.897  -10.942 -5.939  1.00 7.36  ? 36  PRO A CA  1 
ATOM   276 C C   . PRO A 1 36 ? -5.021  -11.088 -4.430  1.00 7.26  ? 36  PRO A C   1 
ATOM   277 O O   . PRO A 1 36 ? -4.057  -11.504 -3.779  1.00 7.61  ? 36  PRO A O   1 
ATOM   278 C CB  . PRO A 1 36 ? -5.219  -12.247 -6.665  1.00 7.44  ? 36  PRO A CB  1 
ATOM   279 C CG  . PRO A 1 36 ? -3.902  -12.903 -6.885  1.00 7.73  ? 36  PRO A CG  1 
ATOM   280 C CD  . PRO A 1 36 ? -2.905  -11.808 -7.040  1.00 6.91  ? 36  PRO A CD  1 
ATOM   281 N N   . ALA A 1 37 ? -6.175  -10.702 -3.893  1.00 7.63  ? 37  ALA A N   1 
ATOM   282 C CA  . ALA A 1 37 ? -6.530  -10.915 -2.486  1.00 8.11  ? 37  ALA A CA  1 
ATOM   283 C C   . ALA A 1 37 ? -6.513  -9.645  -1.634  1.00 7.76  ? 37  ALA A C   1 
ATOM   284 O O   . ALA A 1 37 ? -6.632  -9.730  -0.420  1.00 8.78  ? 37  ALA A O   1 
ATOM   285 C CB  . ALA A 1 37 ? -5.674  -11.998 -1.825  1.00 10.33 ? 37  ALA A CB  1 
ATOM   286 N N   . GLY A 1 38 ? -6.350  -8.479  -2.256  1.00 6.78  ? 38  GLY A N   1 
ATOM   287 C CA  . GLY A 1 38 ? -6.549  -7.217  -1.566  1.00 6.64  ? 38  GLY A CA  1 
ATOM   288 C C   . GLY A 1 38 ? -5.305  -6.519  -1.055  1.00 6.58  ? 38  GLY A C   1 
ATOM   289 O O   . GLY A 1 38 ? -5.372  -5.364  -0.654  1.00 6.30  ? 38  GLY A O   1 
ATOM   290 N N   . TRP A 1 39 ? -4.177  -7.227  -1.044  1.00 6.23  ? 39  TRP A N   1 
ATOM   291 C CA  . TRP A 1 39 ? -2.895  -6.682  -0.586  1.00 6.23  ? 39  TRP A CA  1 
ATOM   292 C C   . TRP A 1 39 ? -1.899  -6.751  -1.738  1.00 6.13  ? 39  TRP A C   1 
ATOM   293 O O   . TRP A 1 39 ? -1.724  -7.805  -2.364  1.00 6.55  ? 39  TRP A O   1 
ATOM   294 C CB  . TRP A 1 39 ? -2.357  -7.457  0.619   1.00 6.14  ? 39  TRP A CB  1 
ATOM   295 C CG  . TRP A 1 39 ? -3.220  -7.331  1.839   1.00 5.93  ? 39  TRP A CG  1 
ATOM   296 C CD1 . TRP A 1 39 ? -4.328  -8.077  2.148   1.00 6.77  ? 39  TRP A CD1 1 
ATOM   297 C CD2 . TRP A 1 39 ? -3.066  -6.387  2.899   1.00 5.19  ? 39  TRP A CD2 1 
ATOM   298 N NE1 . TRP A 1 39 ? -4.861  -7.649  3.340   1.00 7.24  ? 39  TRP A NE1 1 
ATOM   299 C CE2 . TRP A 1 39 ? -4.112  -6.608  3.818   1.00 6.18  ? 39  TRP A CE2 1 
ATOM   300 C CE3 . TRP A 1 39 ? -2.150  -5.366  3.167   1.00 4.90  ? 39  TRP A CE3 1 
ATOM   301 C CZ2 . TRP A 1 39 ? -4.257  -5.855  4.981   1.00 6.87  ? 39  TRP A CZ2 1 
ATOM   302 C CZ3 . TRP A 1 39 ? -2.292  -4.626  4.320   1.00 6.28  ? 39  TRP A CZ3 1 
ATOM   303 C CH2 . TRP A 1 39 ? -3.338  -4.865  5.211   1.00 7.30  ? 39  TRP A CH2 1 
ATOM   304 N N   . TRP A 1 40 ? -1.253  -5.626  -2.015  1.00 5.87  ? 40  TRP A N   1 
ATOM   305 C CA  . TRP A 1 40 ? -0.294  -5.523  -3.100  1.00 5.78  ? 40  TRP A CA  1 
ATOM   306 C C   . TRP A 1 40 ? 1.132   -5.475  -2.563  1.00 5.62  ? 40  TRP A C   1 
ATOM   307 O O   . TRP A 1 40 ? 1.372   -4.990  -1.467  1.00 5.28  ? 40  TRP A O   1 
ATOM   308 C CB  . TRP A 1 40 ? -0.564  -4.254  -3.901  1.00 5.73  ? 40  TRP A CB  1 
ATOM   309 C CG  . TRP A 1 40 ? -1.798  -4.274  -4.742  1.00 7.49  ? 40  TRP A CG  1 
ATOM   310 C CD1 . TRP A 1 40 ? -2.664  -5.315  -4.944  1.00 9.55  ? 40  TRP A CD1 1 
ATOM   311 C CD2 . TRP A 1 40 ? -2.271  -3.194  -5.539  1.00 9.06  ? 40  TRP A CD2 1 
ATOM   312 N NE1 . TRP A 1 40 ? -3.659  -4.928  -5.813  1.00 9.90  ? 40  TRP A NE1 1 
ATOM   313 C CE2 . TRP A 1 40 ? -3.438  -3.631  -6.197  1.00 9.11  ? 40  TRP A CE2 1 
ATOM   314 C CE3 . TRP A 1 40 ? -1.826  -1.889  -5.765  1.00 9.69  ? 40  TRP A CE3 1 
ATOM   315 C CZ2 . TRP A 1 40 ? -4.160  -2.798  -7.067  1.00 10.57 ? 40  TRP A CZ2 1 
ATOM   316 C CZ3 . TRP A 1 40 ? -2.536  -1.073  -6.626  1.00 11.35 ? 40  TRP A CZ3 1 
ATOM   317 C CH2 . TRP A 1 40 ? -3.691  -1.531  -7.258  1.00 11.90 ? 40  TRP A CH2 1 
ATOM   318 N N   . GLU A 1 41 ? 2.074   -5.963  -3.360  1.00 5.28  ? 41  GLU A N   1 
ATOM   319 C CA  . GLU A 1 41 ? 3.486   -5.871  -3.031  1.00 5.42  ? 41  GLU A CA  1 
ATOM   320 C C   . GLU A 1 41 ? 3.958   -4.488  -3.407  1.00 5.78  ? 41  GLU A C   1 
ATOM   321 O O   . GLU A 1 41 ? 3.946   -4.131  -4.583  1.00 5.80  ? 41  GLU A O   1 
ATOM   322 C CB  . GLU A 1 41 ? 4.296   -6.908  -3.800  1.00 5.39  ? 41  GLU A CB  1 
ATOM   323 C CG  . GLU A 1 41 ? 3.981   -8.347  -3.410  1.00 5.64  ? 41  GLU A CG  1 
ATOM   324 C CD  . GLU A 1 41 ? 4.679   -9.346  -4.297  1.00 6.83  ? 41  GLU A CD  1 
ATOM   325 O OE1 . GLU A 1 41 ? 5.900   -9.212  -4.480  1.00 7.74  ? 41  GLU A OE1 1 
ATOM   326 O OE2 . GLU A 1 41 ? 4.015   -10.263 -4.824  1.00 7.40  ? 41  GLU A OE2 1 
ATOM   327 N N   . GLY A 1 42 ? 4.341   -3.698  -2.411  1.00 6.49  ? 42  GLY A N   1 
ATOM   328 C CA  . GLY A 1 42 ? 4.766   -2.329  -2.633  1.00 6.68  ? 42  GLY A CA  1 
ATOM   329 C C   . GLY A 1 42 ? 6.089   -2.015  -1.971  1.00 6.98  ? 42  GLY A C   1 
ATOM   330 O O   . GLY A 1 42 ? 6.748   -2.863  -1.384  1.00 7.04  ? 42  GLY A O   1 
ATOM   331 N N   . GLU A 1 43 ? 6.476   -0.762  -2.079  1.00 7.64  ? 43  GLU A N   1 
ATOM   332 C CA  . GLU A 1 43 ? 7.743   -0.303  -1.541  1.00 8.00  ? 43  GLU A CA  1 
ATOM   333 C C   . GLU A 1 43 ? 7.590   1.156   -1.182  1.00 7.65  ? 43  GLU A C   1 
ATOM   334 O O   . GLU A 1 43 ? 7.037   1.932   -1.951  1.00 7.48  ? 43  GLU A O   1 
ATOM   335 C CB  . GLU A 1 43 ? 8.850   -0.469  -2.568  1.00 8.80  ? 43  GLU A CB  1 
ATOM   336 C CG  . GLU A 1 43 ? 10.212  -0.017  -2.088  1.00 11.04 ? 43  GLU A CG  1 
ATOM   337 C CD  . GLU A 1 43 ? 11.233  -0.007  -3.201  1.00 15.13 ? 43  GLU A CD  1 
ATOM   338 O OE1 . GLU A 1 43 ? 11.070  -0.770  -4.180  1.00 17.84 ? 43  GLU A OE1 1 
ATOM   339 O OE2 . GLU A 1 43 ? 12.203  0.766   -3.101  1.00 16.86 ? 43  GLU A OE2 1 
ATOM   340 N N   . LEU A 1 44 ? 8.098   1.513   -0.014  1.00 7.01  ? 44  LEU A N   1 
ATOM   341 C CA  . LEU A 1 44 ? 8.124   2.893   0.439   1.00 7.04  ? 44  LEU A CA  1 
ATOM   342 C C   . LEU A 1 44 ? 9.338   3.121   1.315   1.00 7.19  ? 44  LEU A C   1 
ATOM   343 O O   . LEU A 1 44 ? 9.588   2.365   2.241   1.00 6.71  ? 44  LEU A O   1 
ATOM   344 C CB  . LEU A 1 44 ? 6.853   3.229   1.227   1.00 7.22  ? 44  LEU A CB  1 
ATOM   345 C CG  . LEU A 1 44 ? 6.818   4.621   1.881   1.00 7.05  ? 44  LEU A CG  1 
ATOM   346 C CD1 . LEU A 1 44 ? 6.945   5.727   0.858   1.00 7.85  ? 44  LEU A CD1 1 
ATOM   347 C CD2 . LEU A 1 44 ? 5.556   4.815   2.687   1.00 8.75  ? 44  LEU A CD2 1 
ATOM   348 N N   . ASN A 1 45 ? 10.081  4.183   1.016   1.00 6.97  ? 45  ASN A N   1 
ATOM   349 C CA  . ASN A 1 45 ? 11.209  4.601   1.846   1.00 7.19  ? 45  ASN A CA  1 
ATOM   350 C C   . ASN A 1 45 ? 12.150  3.459   2.183   1.00 7.32  ? 45  ASN A C   1 
ATOM   351 O O   . ASN A 1 45 ? 12.605  3.322   3.315   1.00 7.45  ? 45  ASN A O   1 
ATOM   352 C CB  . ASN A 1 45 ? 10.693  5.306   3.105   1.00 7.23  ? 45  ASN A CB  1 
ATOM   353 C CG  . ASN A 1 45 ? 9.966   6.588   2.771   1.00 7.06  ? 45  ASN A CG  1 
ATOM   354 O OD1 . ASN A 1 45 ? 10.252  7.208   1.744   1.00 8.11  ? 45  ASN A OD1 1 
ATOM   355 N ND2 . ASN A 1 45 ? 9.005   6.974   3.605   1.00 8.16  ? 45  ASN A ND2 1 
ATOM   356 N N   . GLY A 1 46 ? 12.446  2.647   1.173   1.00 7.90  ? 46  GLY A N   1 
ATOM   357 C CA  . GLY A 1 46 ? 13.467  1.621   1.280   1.00 8.12  ? 46  GLY A CA  1 
ATOM   358 C C   . GLY A 1 46 ? 13.002  0.303   1.865   1.00 8.48  ? 46  GLY A C   1 
ATOM   359 O O   . GLY A 1 46 ? 13.805  -0.621  1.998   1.00 9.57  ? 46  GLY A O   1 
ATOM   360 N N   . LYS A 1 47 ? 11.719  0.212   2.214   1.00 8.33  ? 47  LYS A N   1 
ATOM   361 C CA  . LYS A 1 47 ? 11.143  -1.024  2.718   1.00 8.22  ? 47  LYS A CA  1 
ATOM   362 C C   . LYS A 1 47 ? 10.149  -1.597  1.726   1.00 8.12  ? 47  LYS A C   1 
ATOM   363 O O   . LYS A 1 47 ? 9.279   -0.892  1.217   1.00 8.11  ? 47  LYS A O   1 
ATOM   364 C CB  . LYS A 1 47 ? 10.441  -0.819  4.056   1.00 8.44  ? 47  LYS A CB  1 
ATOM   365 C CG  . LYS A 1 47 ? 9.985   -2.132  4.675   1.00 9.19  ? 47  LYS A CG  1 
ATOM   366 C CD  . LYS A 1 47 ? 9.257   -1.919  5.978   1.00 10.81 ? 47  LYS A CD  1 
ATOM   367 C CE  . LYS A 1 47 ? 8.801   -3.239  6.587   1.00 11.07 ? 47  LYS A CE  1 
ATOM   368 N NZ  . LYS A 1 47 ? 8.110   -3.031  7.885   1.00 13.92 ? 47  LYS A NZ  1 
ATOM   369 N N   . ARG A 1 48 ? 10.304  -2.886  1.460   1.00 7.76  ? 48  ARG A N   1 
ATOM   370 C CA  . ARG A 1 48 ? 9.361   -3.661  0.689   1.00 7.88  ? 48  ARG A CA  1 
ATOM   371 C C   . ARG A 1 48 ? 8.342   -4.273  1.637   1.00 7.26  ? 48  ARG A C   1 
ATOM   372 O O   . ARG A 1 48 ? 8.692   -4.798  2.684   1.00 7.43  ? 48  ARG A O   1 
ATOM   373 C CB  . ARG A 1 48 ? 10.129  -4.748  -0.046  1.00 8.15  ? 48  ARG A CB  1 
ATOM   374 C CG  . ARG A 1 48 ? 9.346   -5.528  -1.028  1.00 9.48  ? 48  ARG A CG  1 
ATOM   375 C CD  . ARG A 1 48 ? 10.170  -6.636  -1.639  1.00 11.30 ? 48  ARG A CD  1 
ATOM   376 N NE  . ARG A 1 48 ? 9.405   -7.397  -2.619  1.00 12.31 ? 48  ARG A NE  1 
ATOM   377 C CZ  . ARG A 1 48 ? 9.316   -7.103  -3.911  1.00 12.78 ? 48  ARG A CZ  1 
ATOM   378 N NH1 . ARG A 1 48 ? 9.929   -6.043  -4.435  1.00 12.51 ? 48  ARG A NH1 1 
ATOM   379 N NH2 . ARG A 1 48 ? 8.586   -7.883  -4.694  1.00 14.30 ? 48  ARG A NH2 1 
ATOM   380 N N   . GLY A 1 49 ? 7.070   -4.200  1.268   1.00 6.76  ? 49  GLY A N   1 
ATOM   381 C CA  . GLY A 1 49 ? 6.028   -4.745  2.118   1.00 6.46  ? 49  GLY A CA  1 
ATOM   382 C C   . GLY A 1 49 ? 4.658   -4.684  1.487   1.00 6.42  ? 49  GLY A C   1 
ATOM   383 O O   . GLY A 1 49 ? 4.473   -4.123  0.414   1.00 6.45  ? 49  GLY A O   1 
ATOM   384 N N   . TRP A 1 50 ? 3.695   -5.268  2.182   1.00 5.97  ? 50  TRP A N   1 
ATOM   385 C CA  . TRP A 1 50 ? 2.312   -5.295  1.736   1.00 6.15  ? 50  TRP A CA  1 
ATOM   386 C C   . TRP A 1 50 ? 1.622   -3.956  1.974   1.00 6.30  ? 50  TRP A C   1 
ATOM   387 O O   . TRP A 1 50 ? 1.815   -3.305  3.011   1.00 6.60  ? 50  TRP A O   1 
ATOM   388 C CB  . TRP A 1 50 ? 1.537   -6.372  2.479   1.00 5.96  ? 50  TRP A CB  1 
ATOM   389 C CG  . TRP A 1 50 ? 1.983   -7.777  2.237   1.00 5.54  ? 50  TRP A CG  1 
ATOM   390 C CD1 . TRP A 1 50 ? 2.614   -8.595  3.125   1.00 6.23  ? 50  TRP A CD1 1 
ATOM   391 C CD2 . TRP A 1 50 ? 1.769   -8.554  1.052   1.00 5.61  ? 50  TRP A CD2 1 
ATOM   392 N NE1 . TRP A 1 50 ? 2.821   -9.826  2.559   1.00 6.80  ? 50  TRP A NE1 1 
ATOM   393 C CE2 . TRP A 1 50 ? 2.316   -9.828  1.285   1.00 6.34  ? 50  TRP A CE2 1 
ATOM   394 C CE3 . TRP A 1 50 ? 1.172   -8.300  -0.189  1.00 6.93  ? 50  TRP A CE3 1 
ATOM   395 C CZ2 . TRP A 1 50 ? 2.278   -10.842 0.333   1.00 7.04  ? 50  TRP A CZ2 1 
ATOM   396 C CZ3 . TRP A 1 50 ? 1.138   -9.309  -1.139  1.00 7.82  ? 50  TRP A CZ3 1 
ATOM   397 C CH2 . TRP A 1 50 ? 1.691   -10.568 -0.869  1.00 7.02  ? 50  TRP A CH2 1 
ATOM   398 N N   . VAL A 1 51 ? 0.791   -3.581  1.011   1.00 6.60  ? 51  VAL A N   1 
ATOM   399 C CA  . VAL A 1 51 ? -0.028  -2.379  1.070   1.00 6.95  ? 51  VAL A CA  1 
ATOM   400 C C   . VAL A 1 51 ? -1.481  -2.796  0.832   1.00 6.22  ? 51  VAL A C   1 
ATOM   401 O O   . VAL A 1 51 ? -1.755  -3.545  -0.101  1.00 5.95  ? 51  VAL A O   1 
ATOM   402 C CB  . VAL A 1 51 ? 0.425   -1.376  -0.011  1.00 8.05  ? 51  VAL A CB  1 
ATOM   403 C CG1 . VAL A 1 51 ? -0.467  -0.140  -0.046  1.00 9.58  ? 51  VAL A CG1 1 
ATOM   404 C CG2 . VAL A 1 51 ? 1.856   -0.991  0.227   1.00 9.33  ? 51  VAL A CG2 1 
ATOM   405 N N   . PRO A 1 52 ? -2.424  -2.324  1.650   1.00 5.74  ? 52  PRO A N   1 
ATOM   406 C CA  . PRO A 1 52 ? -3.832  -2.635  1.389   1.00 5.96  ? 52  PRO A CA  1 
ATOM   407 C C   . PRO A 1 52 ? -4.256  -1.840  0.154   1.00 6.12  ? 52  PRO A C   1 
ATOM   408 O O   . PRO A 1 52 ? -4.161  -0.612  0.149   1.00 6.05  ? 52  PRO A O   1 
ATOM   409 C CB  . PRO A 1 52 ? -4.541  -2.195  2.673   1.00 6.09  ? 52  PRO A CB  1 
ATOM   410 C CG  . PRO A 1 52 ? -3.660  -1.138  3.265   1.00 6.32  ? 52  PRO A CG  1 
ATOM   411 C CD  . PRO A 1 52 ? -2.261  -1.438  2.822   1.00 6.25  ? 52  PRO A CD  1 
ATOM   412 N N   . ALA A 1 53 ? -4.664  -2.536  -0.903  1.00 5.86  ? 53  ALA A N   1 
ATOM   413 C CA  . ALA A 1 53 ? -4.869  -1.894  -2.204  1.00 6.07  ? 53  ALA A CA  1 
ATOM   414 C C   . ALA A 1 53 ? -5.978  -0.849  -2.173  1.00 6.25  ? 53  ALA A C   1 
ATOM   415 O O   . ALA A 1 53 ? -5.973  0.080   -2.976  1.00 7.08  ? 53  ALA A O   1 
ATOM   416 C CB  . ALA A 1 53 ? -5.141  -2.931  -3.273  1.00 6.32  ? 53  ALA A CB  1 
ATOM   417 N N   . ASN A 1 54 ? -6.913  -0.980  -1.238  1.00 6.21  ? 54  ASN A N   1 
ATOM   418 C CA  . ASN A 1 54 ? -7.975  0.014   -1.081  1.00 6.03  ? 54  ASN A CA  1 
ATOM   419 C C   . ASN A 1 54 ? -7.534  1.341   -0.453  1.00 6.16  ? 54  ASN A C   1 
ATOM   420 O O   . ASN A 1 54 ? -8.320  2.290   -0.387  1.00 6.09  ? 54  ASN A O   1 
ATOM   421 C CB  . ASN A 1 54 ? -9.223  -0.568  -0.380  1.00 5.79  ? 54  ASN A CB  1 
ATOM   422 C CG  . ASN A 1 54 ? -8.945  -1.185  0.991   1.00 5.84  ? 54  ASN A CG  1 
ATOM   423 O OD1 . ASN A 1 54 ? -7.812  -1.283  1.456   1.00 6.38  ? 54  ASN A OD1 1 
ATOM   424 N ND2 . ASN A 1 54 ? -10.016 -1.615  1.641   1.00 6.55  ? 54  ASN A ND2 1 
ATOM   425 N N   . TYR A 1 55 ? -6.272  1.411   -0.027  1.00 6.23  ? 55  TYR A N   1 
ATOM   426 C CA  . TYR A 1 55 ? -5.712  2.640   0.534   1.00 6.45  ? 55  TYR A CA  1 
ATOM   427 C C   . TYR A 1 55 ? -4.938  3.480   -0.479  1.00 6.93  ? 55  TYR A C   1 
ATOM   428 O O   . TYR A 1 55 ? -4.512  4.573   -0.136  1.00 7.57  ? 55  TYR A O   1 
ATOM   429 C CB  . TYR A 1 55 ? -4.790  2.335   1.724   1.00 6.80  ? 55  TYR A CB  1 
ATOM   430 C CG  . TYR A 1 55 ? -5.522  2.150   3.030   1.00 6.33  ? 55  TYR A CG  1 
ATOM   431 C CD1 . TYR A 1 55 ? -6.504  1.172   3.165   1.00 6.05  ? 55  TYR A CD1 1 
ATOM   432 C CD2 . TYR A 1 55 ? -5.237  2.944   4.134   1.00 5.93  ? 55  TYR A CD2 1 
ATOM   433 C CE1 . TYR A 1 55 ? -7.175  1.001   4.350   1.00 7.05  ? 55  TYR A CE1 1 
ATOM   434 C CE2 . TYR A 1 55 ? -5.902  2.772   5.332   1.00 6.70  ? 55  TYR A CE2 1 
ATOM   435 C CZ  . TYR A 1 55 ? -6.869  1.792   5.433   1.00 7.12  ? 55  TYR A CZ  1 
ATOM   436 O OH  . TYR A 1 55 ? -7.548  1.611   6.615   1.00 7.95  ? 55  TYR A OH  1 
ATOM   437 N N   . VAL A 1 56 ? -4.724  2.974   -1.690  1.00 7.55  ? 56  VAL A N   1 
ATOM   438 C CA  . VAL A 1 56 ? -3.997  3.730   -2.719  1.00 8.34  ? 56  VAL A CA  1 
ATOM   439 C C   . VAL A 1 56 ? -4.950  4.138   -3.833  1.00 9.04  ? 56  VAL A C   1 
ATOM   440 O O   . VAL A 1 56 ? -5.993  3.516   -4.032  1.00 9.70  ? 56  VAL A O   1 
ATOM   441 C CB  . VAL A 1 56 ? -2.769  2.959   -3.278  1.00 8.73  ? 56  VAL A CB  1 
ATOM   442 C CG1 . VAL A 1 56 ? -1.732  2.754   -2.175  1.00 9.19  ? 56  VAL A CG1 1 
ATOM   443 C CG2 . VAL A 1 56 ? -3.171  1.627   -3.899  1.00 9.29  ? 56  VAL A CG2 1 
ATOM   444 N N   . GLN A 1 57 ? -4.585  5.186   -4.562  1.00 9.53  ? 57  GLN A N   1 
ATOM   445 C CA  . GLN A 1 57 ? -5.479  5.787   -5.542  1.00 10.42 ? 57  GLN A CA  1 
ATOM   446 C C   . GLN A 1 57 ? -5.657  4.887   -6.756  1.00 10.83 ? 57  GLN A C   1 
ATOM   447 O O   . GLN A 1 57 ? -4.685  4.465   -7.372  1.00 11.47 ? 57  GLN A O   1 
ATOM   448 C CB  . GLN A 1 57 ? -4.936  7.143   -5.969  1.00 10.76 ? 57  GLN A CB  1 
ATOM   449 C CG  . GLN A 1 57 ? -5.885  7.945   -6.846  1.00 11.86 ? 57  GLN A CG  1 
ATOM   450 C CD  . GLN A 1 57 ? -5.376  9.354   -7.110  1.00 14.94 ? 57  GLN A CD  1 
ATOM   451 O OE1 . GLN A 1 57 ? -4.223  9.677   -6.809  1.00 17.06 ? 57  GLN A OE1 1 
ATOM   452 N NE2 . GLN A 1 57 ? -6.231  10.191  -7.674  1.00 16.15 ? 57  GLN A NE2 1 
ATOM   453 N N   . ASP A 1 58 ? -6.915  4.599   -7.072  1.00 11.57 ? 58  ASP A N   1 
ATOM   454 C CA  . ASP A 1 58 ? -7.308  3.725   -8.178  1.00 12.36 ? 58  ASP A CA  1 
ATOM   455 C C   . ASP A 1 58 ? -6.845  2.277   -7.969  1.00 12.45 ? 58  ASP A C   1 
ATOM   456 O O   . ASP A 1 58 ? -6.291  1.943   -6.911  1.00 12.67 ? 58  ASP A O   1 
ATOM   457 C CB  . ASP A 1 58 ? -6.810  4.274   -9.519  1.00 12.85 ? 58  ASP A CB  1 
ATOM   458 C CG  . ASP A 1 58 ? -7.907  4.320   -10.567 1.00 15.08 ? 58  ASP A CG  1 
ATOM   459 O OD1 . ASP A 1 58 ? -8.643  3.316   -10.739 1.00 15.08 ? 58  ASP A OD1 1 
ATOM   460 O OD2 . ASP A 1 58 ? -8.117  5.337   -11.268 1.00 20.91 ? 58  ASP A OD2 1 
ATOM   461 N N   . ILE A 1 59 ? -7.116  1.421   -8.955  1.00 12.93 ? 59  ILE A N   1 
ATOM   462 C CA  . ILE A 1 59 ? -6.621  0.039   -8.977  1.00 13.34 ? 59  ILE A CA  1 
ATOM   463 C C   . ILE A 1 59 ? -6.146  -0.364  -10.371 1.00 13.86 ? 59  ILE A C   1 
ATOM   464 O O   . ILE A 1 59 ? -6.446  0.300   -11.375 1.00 15.85 ? 59  ILE A O   1 
ATOM   465 C CB  . ILE A 1 59 ? -7.701  -0.970  -8.507  1.00 13.23 ? 59  ILE A CB  1 
ATOM   466 C CG1 . ILE A 1 59 ? -8.819  -1.135  -9.552  1.00 13.73 ? 59  ILE A CG1 1 
ATOM   467 C CG2 . ILE A 1 59 ? -8.281  -0.557  -7.164  1.00 12.80 ? 59  ILE A CG2 1 
ATOM   468 C CD1 . ILE A 1 59 ? -9.740  -2.305  -9.267  1.00 14.71 ? 59  ILE A CD1 1 
ATOM   469 O OXT . ILE A 1 59 ? -5.485  -1.386  -10.547 1.00 12.75 ? 59  ILE A OXT 1 
ATOM   470 N N   . ARG B 2 1  ? -10.548 12.062  6.784   1.00 19.63 ? 1   ARG B N   1 
ATOM   471 C CA  . ARG B 2 1  ? -11.877 11.488  6.430   1.00 19.03 ? 1   ARG B CA  1 
ATOM   472 C C   . ARG B 2 1  ? -11.859 9.980   6.639   1.00 17.95 ? 1   ARG B C   1 
ATOM   473 O O   . ARG B 2 1  ? -10.782 9.392   6.760   1.00 17.87 ? 1   ARG B O   1 
ATOM   474 C CB  . ARG B 2 1  ? -12.218 11.806  4.982   1.00 19.58 ? 1   ARG B CB  1 
ATOM   475 C CG  . ARG B 2 1  ? -11.341 11.096  3.986   1.00 20.69 ? 1   ARG B CG  1 
ATOM   476 C CD  . ARG B 2 1  ? -11.300 11.786  2.638   1.00 22.54 ? 1   ARG B CD  1 
ATOM   477 N NE  . ARG B 2 1  ? -10.673 10.957  1.610   1.00 23.89 ? 1   ARG B NE  1 
ATOM   478 C CZ  . ARG B 2 1  ? -9.364  10.715  1.525   1.00 24.34 ? 1   ARG B CZ  1 
ATOM   479 N NH1 . ARG B 2 1  ? -8.513  11.237  2.407   1.00 24.66 ? 1   ARG B NH1 1 
ATOM   480 N NH2 . ARG B 2 1  ? -8.899  9.956   0.542   1.00 25.28 ? 1   ARG B NH2 1 
ATOM   481 N N   . PRO B 2 2  ? -13.032 9.347   6.686   1.00 16.36 ? 2   PRO B N   1 
ATOM   482 C CA  . PRO B 2 2  ? -13.095 7.918   7.019   1.00 15.19 ? 2   PRO B CA  1 
ATOM   483 C C   . PRO B 2 2  ? -12.414 7.017   5.999   1.00 14.07 ? 2   PRO B C   1 
ATOM   484 O O   . PRO B 2 2  ? -12.355 7.328   4.807   1.00 14.10 ? 2   PRO B O   1 
ATOM   485 C CB  . PRO B 2 2  ? -14.596 7.633   7.077   1.00 15.03 ? 2   PRO B CB  1 
ATOM   486 C CG  . PRO B 2 2  ? -15.221 8.962   7.281   1.00 16.61 ? 2   PRO B CG  1 
ATOM   487 C CD  . PRO B 2 2  ? -14.381 9.902   6.469   1.00 16.62 ? 2   PRO B CD  1 
ATOM   488 N N   . LYS B 2 3  ? -11.919 5.892   6.499   1.00 12.55 ? 3   LYS B N   1 
ATOM   489 C CA  . LYS B 2 3  ? -11.066 4.986   5.749   1.00 11.97 ? 3   LYS B CA  1 
ATOM   490 C C   . LYS B 2 3  ? -11.788 3.680   5.490   1.00 10.63 ? 3   LYS B C   1 
ATOM   491 O O   . LYS B 2 3  ? -12.602 3.249   6.302   1.00 9.81  ? 3   LYS B O   1 
ATOM   492 C CB  . LYS B 2 3  ? -9.823  4.646   6.568   1.00 12.49 ? 3   LYS B CB  1 
ATOM   493 C CG  . LYS B 2 3  ? -9.083  5.813   7.140   1.00 13.72 ? 3   LYS B CG  1 
ATOM   494 C CD  . LYS B 2 3  ? -7.824  5.323   7.839   1.00 15.37 ? 3   LYS B CD  1 
ATOM   495 C CE  . LYS B 2 3  ? -7.327  6.323   8.852   1.00 17.73 ? 3   LYS B CE  1 
ATOM   496 N NZ  . LYS B 2 3  ? -5.906  6.054   9.199   1.00 19.50 ? 3   LYS B NZ  1 
ATOM   497 N N   . PRO B 2 4  ? -11.470 3.010   4.389   1.00 9.33  ? 4   PRO B N   1 
ATOM   498 C CA  . PRO B 2 4  ? -11.998 1.665   4.170   1.00 8.98  ? 4   PRO B CA  1 
ATOM   499 C C   . PRO B 2 4  ? -11.323 0.682   5.124   1.00 7.94  ? 4   PRO B C   1 
ATOM   500 O O   . PRO B 2 4  ? -10.251 0.966   5.653   1.00 8.19  ? 4   PRO B O   1 
ATOM   501 C CB  . PRO B 2 4  ? -11.622 1.370   2.716   1.00 9.42  ? 4   PRO B CB  1 
ATOM   502 C CG  . PRO B 2 4  ? -10.484 2.223   2.431   1.00 9.72  ? 4   PRO B CG  1 
ATOM   503 C CD  . PRO B 2 4  ? -10.597 3.449   3.286   1.00 9.85  ? 4   PRO B CD  1 
ATOM   504 N N   . VAL B 2 5  ? -11.957 -0.453  5.363   1.00 7.67  ? 5   VAL B N   1 
ATOM   505 C CA  . VAL B 2 5  ? -11.368 -1.461  6.221   1.00 7.48  ? 5   VAL B CA  1 
ATOM   506 C C   . VAL B 2 5  ? -10.359 -2.263  5.401   1.00 7.24  ? 5   VAL B C   1 
ATOM   507 O O   . VAL B 2 5  ? -10.663 -2.665  4.281   1.00 6.89  ? 5   VAL B O   1 
ATOM   508 C CB  . VAL B 2 5  ? -12.456 -2.372  6.867   1.00 7.55  ? 5   VAL B CB  1 
ATOM   509 C CG1 . VAL B 2 5  ? -13.086 -3.331  5.862   1.00 8.28  ? 5   VAL B CG1 1 
ATOM   510 C CG2 . VAL B 2 5  ? -11.875 -3.127  8.055   1.00 7.51  ? 5   VAL B CG2 1 
ATOM   511 N N   . PRO B 2 6  ? -9.156  -2.492  5.921   1.00 7.27  ? 6   PRO B N   1 
ATOM   512 C CA  . PRO B 2 6  ? -8.208  -3.364  5.225   1.00 7.42  ? 6   PRO B CA  1 
ATOM   513 C C   . PRO B 2 6  ? -8.821  -4.750  5.034   1.00 8.15  ? 6   PRO B C   1 
ATOM   514 O O   . PRO B 2 6  ? -9.557  -5.203  5.925   1.00 8.72  ? 6   PRO B O   1 
ATOM   515 C CB  . PRO B 2 6  ? -7.002  -3.408  6.167   1.00 7.33  ? 6   PRO B CB  1 
ATOM   516 C CG  . PRO B 2 6  ? -7.116  -2.180  6.972   1.00 7.26  ? 6   PRO B CG  1 
ATOM   517 C CD  . PRO B 2 6  ? -8.583  -1.949  7.165   1.00 7.14  ? 6   PRO B CD  1 
ATOM   518 N N   . PRO B 2 7  ? -8.561  -5.402  3.905   1.00 8.50  ? 7   PRO B N   1 
ATOM   519 C CA  . PRO B 2 7  ? -9.130  -6.729  3.659   1.00 8.93  ? 7   PRO B CA  1 
ATOM   520 C C   . PRO B 2 7  ? -8.409  -7.821  4.456   1.00 9.34  ? 7   PRO B C   1 
ATOM   521 O O   . PRO B 2 7  ? -7.339  -7.562  5.004   1.00 8.72  ? 7   PRO B O   1 
ATOM   522 C CB  . PRO B 2 7  ? -8.927  -6.912  2.153   1.00 9.21  ? 7   PRO B CB  1 
ATOM   523 C CG  . PRO B 2 7  ? -7.719  -6.183  1.869   1.00 9.38  ? 7   PRO B CG  1 
ATOM   524 C CD  . PRO B 2 7  ? -7.726  -4.954  2.773   1.00 8.54  ? 7   PRO B CD  1 
ATOM   525 N N   . PRO B 2 8  ? -8.988  -9.019  4.524   1.00 9.76  ? 8   PRO B N   1 
ATOM   526 C CA  . PRO B 2 8  ? -8.349  -10.127 5.225   1.00 10.12 ? 8   PRO B CA  1 
ATOM   527 C C   . PRO B 2 8  ? -6.914  -10.355 4.751   1.00 10.50 ? 8   PRO B C   1 
ATOM   528 O O   . PRO B 2 8  ? -6.616  -10.233 3.559   1.00 10.84 ? 8   PRO B O   1 
ATOM   529 C CB  . PRO B 2 8  ? -9.240  -11.318 4.866   1.00 10.12 ? 8   PRO B CB  1 
ATOM   530 C CG  . PRO B 2 8  ? -10.558 -10.731 4.619   1.00 10.44 ? 8   PRO B CG  1 
ATOM   531 C CD  . PRO B 2 8  ? -10.279 -9.421  3.933   1.00 9.89  ? 8   PRO B CD  1 
ATOM   532 N N   . ARG B 2 9  ? -6.043  -10.696 5.690   1.00 10.91 ? 9   ARG B N   1 
ATOM   533 C CA  . ARG B 2 9  ? -4.617  -10.832 5.421   1.00 11.76 ? 9   ARG B CA  1 
ATOM   534 C C   . ARG B 2 9  ? -4.217  -12.266 5.062   1.00 13.30 ? 9   ARG B C   1 
ATOM   535 O O   . ARG B 2 9  ? -3.113  -12.496 4.581   1.00 13.80 ? 9   ARG B O   1 
ATOM   536 C CB  . ARG B 2 9  ? -3.820  -10.372 6.634   1.00 11.58 ? 9   ARG B CB  1 
ATOM   537 C CG  . ARG B 2 9  ? -3.985  -8.896  6.939   1.00 10.05 ? 9   ARG B CG  1 
ATOM   538 C CD  . ARG B 2 9  ? -3.408  -8.468  8.272   1.00 9.89  ? 9   ARG B CD  1 
ATOM   539 N NE  . ARG B 2 9  ? -3.456  -7.015  8.426   1.00 8.14  ? 9   ARG B NE  1 
ATOM   540 C CZ  . ARG B 2 9  ? -4.553  -6.319  8.707   1.00 8.20  ? 9   ARG B CZ  1 
ATOM   541 N NH1 . ARG B 2 9  ? -4.496  -4.998  8.788   1.00 7.96  ? 9   ARG B NH1 1 
ATOM   542 N NH2 . ARG B 2 9  ? -5.705  -6.931  8.922   1.00 7.57  ? 9   ARG B NH2 1 
ATOM   543 N N   . GLY B 2 10 ? -5.113  -13.222 5.290   1.00 14.86 ? 10  GLY B N   1 
ATOM   544 C CA  . GLY B 2 10 ? -4.801  -14.633 5.117   1.00 16.26 ? 10  GLY B CA  1 
ATOM   545 C C   . GLY B 2 10 ? -4.998  -15.118 3.700   1.00 16.75 ? 10  GLY B C   1 
ATOM   546 O O   . GLY B 2 10 ? -5.430  -14.355 2.837   1.00 18.85 ? 10  GLY B O   1 
HETATM 547 C C1  . GOL C 3 .  ? -0.916  -8.747  4.812   1.00 9.27  ? 100 GOL A C1  1 
HETATM 548 O O1  . GOL C 3 .  ? -0.427  -8.711  6.145   1.00 8.36  ? 100 GOL A O1  1 
HETATM 549 C C2  . GOL C 3 .  ? -0.438  -10.010 4.113   1.00 9.69  ? 100 GOL A C2  1 
HETATM 550 O O2  . GOL C 3 .  ? -0.866  -11.155 4.837   1.00 9.40  ? 100 GOL A O2  1 
HETATM 551 C C3  A GOL C 3 .  ? -0.962  -10.056 2.683   0.50 10.95 ? 100 GOL A C3  1 
HETATM 552 C C3  B GOL C 3 .  ? -1.031  -10.013 2.711   0.50 10.12 ? 100 GOL A C3  1 
HETATM 553 O O3  A GOL C 3 .  ? -2.290  -10.552 2.648   0.50 12.54 ? 100 GOL A O3  1 
HETATM 554 O O3  B GOL C 3 .  ? -0.615  -11.160 1.987   0.50 10.13 ? 100 GOL A O3  1 
HETATM 555 S S   . SO4 D 4 .  ? -6.897  -10.663 9.465   1.00 12.61 ? 11  SO4 B S   1 
HETATM 556 O O1  . SO4 D 4 .  ? -6.803  -9.582  8.489   1.00 21.23 ? 11  SO4 B O1  1 
HETATM 557 O O2  . SO4 D 4 .  ? -8.305  -11.002 9.661   1.00 19.63 ? 11  SO4 B O2  1 
HETATM 558 O O3  . SO4 D 4 .  ? -6.166  -11.792 8.906   1.00 19.76 ? 11  SO4 B O3  1 
HETATM 559 O O4  . SO4 D 4 .  ? -6.295  -10.207 10.704  1.00 21.55 ? 11  SO4 B O4  1 
HETATM 560 O O   . HOH E 5 .  ? -6.029  -7.628  -5.038  1.00 6.68  ? 101 HOH A O   1 
HETATM 561 O O   . HOH E 5 .  ? -3.086  -9.994  -1.667  1.00 7.98  ? 102 HOH A O   1 
HETATM 562 O O   . HOH E 5 .  ? -10.335 3.893   -1.270  1.00 11.65 ? 103 HOH A O   1 
HETATM 563 O O   . HOH E 5 .  ? 2.104   -9.543  6.688   1.00 9.37  ? 104 HOH A O   1 
HETATM 564 O O   . HOH E 5 .  ? 5.325   8.531   5.869   1.00 8.61  ? 105 HOH A O   1 
HETATM 565 O O   . HOH E 5 .  ? 0.458   6.191   9.460   1.00 10.04 ? 106 HOH A O   1 
HETATM 566 O O   . HOH E 5 .  ? 12.915  7.873   1.481   1.00 9.28  ? 107 HOH A O   1 
HETATM 567 O O   . HOH E 5 .  ? -12.640 -1.136  0.289   1.00 12.07 ? 108 HOH A O   1 
HETATM 568 O O   . HOH E 5 .  ? 6.402   9.282   -0.217  1.00 7.91  ? 109 HOH A O   1 
HETATM 569 O O   . HOH E 5 .  ? -5.916  9.246   7.124   1.00 18.38 ? 110 HOH A O   1 
HETATM 570 O O   . HOH E 5 .  ? -7.335  15.221  2.532   1.00 18.22 ? 111 HOH A O   1 
HETATM 571 O O   . HOH E 5 .  ? 11.971  3.032   -1.736  1.00 11.72 ? 112 HOH A O   1 
HETATM 572 O O   . HOH E 5 .  ? 6.302   4.901   7.414   1.00 10.50 ? 113 HOH A O   1 
HETATM 573 O O   . HOH E 5 .  ? 4.401   6.853   7.842   1.00 9.10  ? 114 HOH A O   1 
HETATM 574 O O   . HOH E 5 .  ? 10.284  5.479   -1.543  1.00 12.92 ? 115 HOH A O   1 
HETATM 575 O O   . HOH E 5 .  ? -10.541 -4.513  -0.048  1.00 13.73 ? 116 HOH A O   1 
HETATM 576 O O   . HOH E 5 .  ? 12.349  -4.307  2.957   1.00 14.21 ? 117 HOH A O   1 
HETATM 577 O O   . HOH E 5 .  ? 16.373  -0.061  1.176   1.00 17.80 ? 118 HOH A O   1 
HETATM 578 O O   . HOH E 5 .  ? 7.335   6.799   5.695   1.00 15.53 ? 119 HOH A O   1 
HETATM 579 O O   . HOH E 5 .  ? 8.938   8.388   -0.666  1.00 16.38 ? 120 HOH A O   1 
HETATM 580 O O   . HOH E 5 .  ? 4.666   11.694  -1.988  1.00 15.50 ? 121 HOH A O   1 
HETATM 581 O O   . HOH E 5 .  ? 8.271   6.602   -2.882  1.00 21.75 ? 122 HOH A O   1 
HETATM 582 O O   . HOH E 5 .  ? 6.027   -2.819  9.816   1.00 18.83 ? 123 HOH A O   1 
HETATM 583 O O   . HOH E 5 .  ? -3.061  -11.630 0.320   1.00 18.68 ? 124 HOH A O   1 
HETATM 584 O O   . HOH E 5 .  ? -4.173  2.456   10.503  1.00 21.01 ? 125 HOH A O   1 
HETATM 585 O O   . HOH E 5 .  ? 3.006   7.228   10.124  1.00 15.96 ? 126 HOH A O   1 
HETATM 586 O O   . HOH E 5 .  ? -5.514  12.609  -8.983  1.00 19.54 ? 127 HOH A O   1 
HETATM 587 O O   . HOH E 5 .  ? -2.001  8.083   -7.699  1.00 16.60 ? 128 HOH A O   1 
HETATM 588 O O   . HOH E 5 .  ? 4.564   10.900  12.380  1.00 21.22 ? 129 HOH A O   1 
HETATM 589 O O   . HOH E 5 .  ? -3.537  1.947   -7.444  1.00 18.76 ? 130 HOH A O   1 
HETATM 590 O O   . HOH E 5 .  ? -3.355  11.508  -1.467  1.00 26.31 ? 131 HOH A O   1 
HETATM 591 O O   . HOH E 5 .  ? 0.104   13.288  5.597   1.00 21.01 ? 132 HOH A O   1 
HETATM 592 O O   . HOH E 5 .  ? -1.696  12.307  7.421   1.00 22.02 ? 133 HOH A O   1 
HETATM 593 O O   . HOH E 5 .  ? 11.473  -3.785  -3.392  1.00 21.06 ? 134 HOH A O   1 
HETATM 594 O O   . HOH E 5 .  ? -9.224  -0.158  -12.790 1.00 22.96 ? 135 HOH A O   1 
HETATM 595 O O   . HOH E 5 .  ? 14.486  -0.470  -3.040  1.00 29.60 ? 136 HOH A O   1 
HETATM 596 O O   . HOH E 5 .  ? -3.079  1.327   -10.049 1.00 21.72 ? 137 HOH A O   1 
HETATM 597 O O   . HOH E 5 .  ? 12.534  -1.018  -6.539  1.00 25.26 ? 138 HOH A O   1 
HETATM 598 O O   . HOH E 5 .  ? 10.203  -10.202 4.391   1.00 22.41 ? 139 HOH A O   1 
HETATM 599 O O   . HOH E 5 .  ? 2.280   0.486   13.153  1.00 19.89 ? 140 HOH A O   1 
HETATM 600 O O   . HOH E 5 .  ? 5.208   4.698   -12.288 1.00 27.70 ? 141 HOH A O   1 
HETATM 601 O O   . HOH E 5 .  ? 10.055  -7.013  6.643   1.00 26.31 ? 142 HOH A O   1 
HETATM 602 O O   . HOH E 5 .  ? 11.782  -2.553  -11.364 1.00 24.91 ? 143 HOH A O   1 
HETATM 603 O O   . HOH E 5 .  ? -3.695  -0.012  11.494  1.00 23.58 ? 144 HOH A O   1 
HETATM 604 O O   . HOH E 5 .  ? 10.588  -6.213  3.979   1.00 27.11 ? 145 HOH A O   1 
HETATM 605 O O   . HOH E 5 .  ? -4.170  3.924   12.553  1.00 26.25 ? 146 HOH A O   1 
HETATM 606 O O   . HOH E 5 .  ? 5.013   -9.274  12.605  1.00 28.06 ? 147 HOH A O   1 
HETATM 607 O O   . HOH E 5 .  ? 8.985   -12.617 7.189   1.00 23.87 ? 148 HOH A O   1 
HETATM 608 O O   . HOH E 5 .  ? 5.233   -10.416 8.883   1.00 26.54 ? 149 HOH A O   1 
HETATM 609 O O   . HOH E 5 .  ? -3.247  5.842   -9.262  1.00 24.76 ? 150 HOH A O   1 
HETATM 610 O O   . HOH E 5 .  ? 3.494   8.367   12.387  1.00 29.27 ? 151 HOH A O   1 
HETATM 611 O O   . HOH E 5 .  ? -1.146  -8.079  14.111  1.00 28.52 ? 152 HOH A O   1 
HETATM 612 O O   . HOH E 5 .  ? -4.728  11.817  6.717   1.00 29.88 ? 153 HOH A O   1 
HETATM 613 O O   . HOH E 5 .  ? 8.972   -9.353  9.308   1.00 32.56 ? 154 HOH A O   1 
HETATM 614 O O   . HOH E 5 .  ? 12.981  -3.707  -5.638  1.00 29.92 ? 155 HOH A O   1 
HETATM 615 O O   . HOH E 5 .  ? -5.265  -0.429  -13.947 1.00 38.42 ? 156 HOH A O   1 
HETATM 616 O O   . HOH E 5 .  ? -2.591  -3.246  -13.792 1.00 32.89 ? 157 HOH A O   1 
HETATM 617 O O   . HOH E 5 .  ? -4.689  13.576  -0.223  1.00 29.13 ? 158 HOH A O   1 
HETATM 618 O O   . HOH E 5 .  ? -12.329 -8.836  1.168   1.00 36.28 ? 159 HOH A O   1 
HETATM 619 O O   . HOH E 5 .  ? -9.881  -9.476  0.007   1.00 26.63 ? 160 HOH A O   1 
HETATM 620 O O   . HOH E 5 .  ? 12.961  2.418   -5.832  1.00 38.24 ? 161 HOH A O   1 
HETATM 621 O O   . HOH E 5 .  ? 0.266   12.690  10.258  1.00 40.73 ? 162 HOH A O   1 
HETATM 622 O O   . HOH E 5 .  ? -6.133  2.653   8.922   1.00 28.20 ? 163 HOH A O   1 
HETATM 623 O O   . HOH E 5 .  ? 8.584   7.159   -5.477  1.00 32.15 ? 164 HOH A O   1 
HETATM 624 O O   . HOH E 5 .  ? 3.398   2.905   12.879  1.00 43.17 ? 165 HOH A O   1 
HETATM 625 O O   . HOH E 5 .  ? -9.833  4.985   -13.303 1.00 37.86 ? 166 HOH A O   1 
HETATM 626 O O   . HOH E 5 .  ? 8.651   -3.368  -9.847  1.00 32.85 ? 167 HOH A O   1 
HETATM 627 O O   . HOH F 5 .  ? -11.889 -4.298  2.514   1.00 14.21 ? 21  HOH B O   1 
HETATM 628 O O   . HOH F 5 .  ? -8.291  9.639   6.333   1.00 21.01 ? 40  HOH B O   1 
HETATM 629 O O   . HOH F 5 .  ? -13.203 8.680   2.672   1.00 29.01 ? 41  HOH B O   1 
HETATM 630 O O   . HOH F 5 .  ? -13.077 -6.585  3.330   1.00 26.16 ? 48  HOH B O   1 
HETATM 631 O O   . HOH F 5 .  ? -13.868 5.093   2.669   1.00 31.83 ? 50  HOH B O   1 
HETATM 632 O O   . HOH F 5 .  ? -16.663 -9.926  3.548   1.00 39.38 ? 65  HOH B O   1 
HETATM 633 O O   . HOH F 5 .  ? -8.193  -10.617 1.498   1.00 24.96 ? 81  HOH B O   1 
HETATM 634 O O   . HOH F 5 .  ? -13.714 -9.100  3.351   1.00 38.96 ? 88  HOH B O   1 
HETATM 635 O O   . HOH F 5 .  ? -5.471  -11.825 1.531   1.00 33.49 ? 91  HOH B O   1 
HETATM 636 O O   . HOH F 5 .  ? -9.278  -13.050 8.628   1.00 34.68 ? 99  HOH B O   1 
# 
loop_
_pdbx_poly_seq_scheme.asym_id 
_pdbx_poly_seq_scheme.entity_id 
_pdbx_poly_seq_scheme.seq_id 
_pdbx_poly_seq_scheme.mon_id 
_pdbx_poly_seq_scheme.ndb_seq_num 
_pdbx_poly_seq_scheme.pdb_seq_num 
_pdbx_poly_seq_scheme.auth_seq_num 
_pdbx_poly_seq_scheme.pdb_mon_id 
_pdbx_poly_seq_scheme.auth_mon_id 
_pdbx_poly_seq_scheme.pdb_strand_id 
_pdbx_poly_seq_scheme.pdb_ins_code 
_pdbx_poly_seq_scheme.hetero 
A 1 1  GLY 1  1  1  GLY GLY A . n 
A 1 2  SER 2  2  2  SER SER A . n 
A 1 3  PRO 3  3  3  PRO PRO A . n 
A 1 4  GLY 4  4  4  GLY GLY A . n 
A 1 5  ILE 5  5  5  ILE ILE A . n 
A 1 6  GLN 6  6  6  GLN GLN A . n 
A 1 7  VAL 7  7  7  VAL VAL A . n 
A 1 8  LYS 8  8  8  LYS LYS A . n 
A 1 9  ALA 9  9  9  ALA ALA A . n 
A 1 10 LEU 10 10 10 LEU LEU A . n 
A 1 11 TYR 11 11 11 TYR TYR A . n 
A 1 12 ASP 12 12 12 ASP ASP A . n 
A 1 13 TYR 13 13 13 TYR TYR A . n 
A 1 14 ASP 14 14 14 ASP ASP A . n 
A 1 15 ALA 15 15 15 ALA ALA A . n 
A 1 16 GLN 16 16 16 GLN GLN A . n 
A 1 17 THR 17 17 17 THR THR A . n 
A 1 18 GLY 18 18 18 GLY GLY A . n 
A 1 19 ASP 19 19 19 ASP ASP A . n 
A 1 20 GLU 20 20 20 GLU GLU A . n 
A 1 21 LEU 21 21 21 LEU LEU A . n 
A 1 22 THR 22 22 22 THR THR A . n 
A 1 23 PHE 23 23 23 PHE PHE A . n 
A 1 24 LYS 24 24 24 LYS LYS A . n 
A 1 25 GLU 25 25 25 GLU GLU A . n 
A 1 26 GLY 26 26 26 GLY GLY A . n 
A 1 27 ASP 27 27 27 ASP ASP A . n 
A 1 28 THR 28 28 28 THR THR A . n 
A 1 29 ILE 29 29 29 ILE ILE A . n 
A 1 30 ILE 30 30 30 ILE ILE A . n 
A 1 31 VAL 31 31 31 VAL VAL A . n 
A 1 32 HIS 32 32 32 HIS HIS A . n 
A 1 33 GLN 33 33 33 GLN GLN A . n 
A 1 34 LYS 34 34 34 LYS LYS A . n 
A 1 35 ASP 35 35 35 ASP ASP A . n 
A 1 36 PRO 36 36 36 PRO PRO A . n 
A 1 37 ALA 37 37 37 ALA ALA A . n 
A 1 38 GLY 38 38 38 GLY GLY A . n 
A 1 39 TRP 39 39 39 TRP TRP A . n 
A 1 40 TRP 40 40 40 TRP TRP A . n 
A 1 41 GLU 41 41 41 GLU GLU A . n 
A 1 42 GLY 42 42 42 GLY GLY A . n 
A 1 43 GLU 43 43 43 GLU GLU A . n 
A 1 44 LEU 44 44 44 LEU LEU A . n 
A 1 45 ASN 45 45 45 ASN ASN A . n 
A 1 46 GLY 46 46 46 GLY GLY A . n 
A 1 47 LYS 47 47 47 LYS LYS A . n 
A 1 48 ARG 48 48 48 ARG ARG A . n 
A 1 49 GLY 49 49 49 GLY GLY A . n 
A 1 50 TRP 50 50 50 TRP TRP A . n 
A 1 51 VAL 51 51 51 VAL VAL A . n 
A 1 52 PRO 52 52 52 PRO PRO A . n 
A 1 53 ALA 53 53 53 ALA ALA A . n 
A 1 54 ASN 54 54 54 ASN ASN A . n 
A 1 55 TYR 55 55 55 TYR TYR A . n 
A 1 56 VAL 56 56 56 VAL VAL A . n 
A 1 57 GLN 57 57 57 GLN GLN A . n 
A 1 58 ASP 58 58 58 ASP ASP A . n 
A 1 59 ILE 59 59 59 ILE ILE A . n 
B 2 1  ARG 1  1  1  ARG ARG B . n 
B 2 2  PRO 2  2  2  PRO PRO B . n 
B 2 3  LYS 3  3  3  LYS LYS B . n 
B 2 4  PRO 4  4  4  PRO PRO B . n 
B 2 5  VAL 5  5  5  VAL VAL B . n 
B 2 6  PRO 6  6  6  PRO PRO B . n 
B 2 7  PRO 7  7  7  PRO PRO B . n 
B 2 8  PRO 8  8  8  PRO PRO B . n 
B 2 9  ARG 9  9  9  ARG ARG B . n 
B 2 10 GLY 10 10 10 GLY GLY B . n 
# 
loop_
_pdbx_nonpoly_scheme.asym_id 
_pdbx_nonpoly_scheme.entity_id 
_pdbx_nonpoly_scheme.mon_id 
_pdbx_nonpoly_scheme.ndb_seq_num 
_pdbx_nonpoly_scheme.pdb_seq_num 
_pdbx_nonpoly_scheme.auth_seq_num 
_pdbx_nonpoly_scheme.pdb_mon_id 
_pdbx_nonpoly_scheme.auth_mon_id 
_pdbx_nonpoly_scheme.pdb_strand_id 
_pdbx_nonpoly_scheme.pdb_ins_code 
C 3 GOL 1  100 100 GOL GOL A . 
D 4 SO4 1  11  1   SO4 SO4 B . 
E 5 HOH 1  101 2   HOH HOH A . 
E 5 HOH 2  102 3   HOH HOH A . 
E 5 HOH 3  103 5   HOH HOH A . 
E 5 HOH 4  104 6   HOH HOH A . 
E 5 HOH 5  105 7   HOH HOH A . 
E 5 HOH 6  106 9   HOH HOH A . 
E 5 HOH 7  107 10  HOH HOH A . 
E 5 HOH 8  108 11  HOH HOH A . 
E 5 HOH 9  109 12  HOH HOH A . 
E 5 HOH 10 110 13  HOH HOH A . 
E 5 HOH 11 111 14  HOH HOH A . 
E 5 HOH 12 112 15  HOH HOH A . 
E 5 HOH 13 113 16  HOH HOH A . 
E 5 HOH 14 114 17  HOH HOH A . 
E 5 HOH 15 115 18  HOH HOH A . 
E 5 HOH 16 116 19  HOH HOH A . 
E 5 HOH 17 117 20  HOH HOH A . 
E 5 HOH 18 118 22  HOH HOH A . 
E 5 HOH 19 119 23  HOH HOH A . 
E 5 HOH 20 120 24  HOH HOH A . 
E 5 HOH 21 121 25  HOH HOH A . 
E 5 HOH 22 122 27  HOH HOH A . 
E 5 HOH 23 123 28  HOH HOH A . 
E 5 HOH 24 124 29  HOH HOH A . 
E 5 HOH 25 125 30  HOH HOH A . 
E 5 HOH 26 126 31  HOH HOH A . 
E 5 HOH 27 127 32  HOH HOH A . 
E 5 HOH 28 128 33  HOH HOH A . 
E 5 HOH 29 129 34  HOH HOH A . 
E 5 HOH 30 130 35  HOH HOH A . 
E 5 HOH 31 131 36  HOH HOH A . 
E 5 HOH 32 132 37  HOH HOH A . 
E 5 HOH 33 133 38  HOH HOH A . 
E 5 HOH 34 134 39  HOH HOH A . 
E 5 HOH 35 135 42  HOH HOH A . 
E 5 HOH 36 136 43  HOH HOH A . 
E 5 HOH 37 137 44  HOH HOH A . 
E 5 HOH 38 138 45  HOH HOH A . 
E 5 HOH 39 139 46  HOH HOH A . 
E 5 HOH 40 140 47  HOH HOH A . 
E 5 HOH 41 141 49  HOH HOH A . 
E 5 HOH 42 142 51  HOH HOH A . 
E 5 HOH 43 143 52  HOH HOH A . 
E 5 HOH 44 144 53  HOH HOH A . 
E 5 HOH 45 145 54  HOH HOH A . 
E 5 HOH 46 146 55  HOH HOH A . 
E 5 HOH 47 147 56  HOH HOH A . 
E 5 HOH 48 148 57  HOH HOH A . 
E 5 HOH 49 149 58  HOH HOH A . 
E 5 HOH 50 150 59  HOH HOH A . 
E 5 HOH 51 151 60  HOH HOH A . 
E 5 HOH 52 152 61  HOH HOH A . 
E 5 HOH 53 153 62  HOH HOH A . 
E 5 HOH 54 154 64  HOH HOH A . 
E 5 HOH 55 155 66  HOH HOH A . 
E 5 HOH 56 156 67  HOH HOH A . 
E 5 HOH 57 157 68  HOH HOH A . 
E 5 HOH 58 158 69  HOH HOH A . 
E 5 HOH 59 159 70  HOH HOH A . 
E 5 HOH 60 160 71  HOH HOH A . 
E 5 HOH 61 161 73  HOH HOH A . 
E 5 HOH 62 162 75  HOH HOH A . 
E 5 HOH 63 163 78  HOH HOH A . 
E 5 HOH 64 164 80  HOH HOH A . 
E 5 HOH 65 165 87  HOH HOH A . 
E 5 HOH 66 166 93  HOH HOH A . 
E 5 HOH 67 167 103 HOH HOH A . 
F 5 HOH 1  21  21  HOH HOH B . 
F 5 HOH 2  40  40  HOH HOH B . 
F 5 HOH 3  41  41  HOH HOH B . 
F 5 HOH 4  48  48  HOH HOH B . 
F 5 HOH 5  50  50  HOH HOH B . 
F 5 HOH 6  65  65  HOH HOH B . 
F 5 HOH 7  81  81  HOH HOH B . 
F 5 HOH 8  88  88  HOH HOH B . 
F 5 HOH 9  91  91  HOH HOH B . 
F 5 HOH 10 99  99  HOH HOH B . 
# 
loop_
_pdbx_struct_assembly.id 
_pdbx_struct_assembly.details 
_pdbx_struct_assembly.method_details 
_pdbx_struct_assembly.oligomeric_details 
_pdbx_struct_assembly.oligomeric_count 
1 author_and_software_defined_assembly PISA dimeric 2 
2 software_defined_assembly            PISA dimeric 2 
# 
loop_
_pdbx_struct_assembly_gen.assembly_id 
_pdbx_struct_assembly_gen.oper_expression 
_pdbx_struct_assembly_gen.asym_id_list 
1 1 A,B,C,D,E,F 
2 1 A,C,E       
2 2 B,D,F       
# 
loop_
_pdbx_struct_assembly_prop.biol_id 
_pdbx_struct_assembly_prop.type 
_pdbx_struct_assembly_prop.value 
_pdbx_struct_assembly_prop.details 
1 'ABSA (A^2)' 1270 ? 
1 MORE         -14  ? 
1 'SSA (A^2)'  4490 ? 
2 'ABSA (A^2)' 1180 ? 
2 MORE         -23  ? 
2 'SSA (A^2)'  4580 ? 
# 
loop_
_pdbx_struct_oper_list.id 
_pdbx_struct_oper_list.type 
_pdbx_struct_oper_list.name 
_pdbx_struct_oper_list.symmetry_operation 
_pdbx_struct_oper_list.matrix[1][1] 
_pdbx_struct_oper_list.matrix[1][2] 
_pdbx_struct_oper_list.matrix[1][3] 
_pdbx_struct_oper_list.vector[1] 
_pdbx_struct_oper_list.matrix[2][1] 
_pdbx_struct_oper_list.matrix[2][2] 
_pdbx_struct_oper_list.matrix[2][3] 
_pdbx_struct_oper_list.vector[2] 
_pdbx_struct_oper_list.matrix[3][1] 
_pdbx_struct_oper_list.matrix[3][2] 
_pdbx_struct_oper_list.matrix[3][3] 
_pdbx_struct_oper_list.vector[3] 
1 'identity operation'         1_555 x,y,z             1.0000000000  0.0000000000  0.0000000000  0.0000000000 0.0000000000  1.0000000000  0.0000000000 0.0000000000   0.0000000000  0.0000000000 1.0000000000  0.0000000000  
2 'crystal symmetry operation' 3_645 -x+1,y-1/2,-z+1/2 -0.1366891116 -0.6807978532 -0.7196043147 8.0534655903 -0.6807978532 -0.4631299996 0.5674723663 -22.1858851912 -0.7196043147 0.5674723663 -0.4001808888 -3.4606097229 
# 
loop_
_pdbx_audit_revision_history.ordinal 
_pdbx_audit_revision_history.data_content_type 
_pdbx_audit_revision_history.major_revision 
_pdbx_audit_revision_history.minor_revision 
_pdbx_audit_revision_history.revision_date 
1 'Structure model' 1 0 2007-05-29 
2 'Structure model' 1 1 2008-04-30 
3 'Structure model' 1 2 2011-07-13 
4 'Structure model' 1 3 2023-10-25 
# 
_pdbx_audit_revision_details.ordinal             1 
_pdbx_audit_revision_details.revision_ordinal    1 
_pdbx_audit_revision_details.data_content_type   'Structure model' 
_pdbx_audit_revision_details.provider            repository 
_pdbx_audit_revision_details.type                'Initial release' 
_pdbx_audit_revision_details.description         ? 
_pdbx_audit_revision_details.details             ? 
# 
loop_
_pdbx_audit_revision_group.ordinal 
_pdbx_audit_revision_group.revision_ordinal 
_pdbx_audit_revision_group.data_content_type 
_pdbx_audit_revision_group.group 
1 2 'Structure model' 'Version format compliance' 
2 3 'Structure model' 'Non-polymer description'   
3 3 'Structure model' 'Version format compliance' 
4 4 'Structure model' 'Data collection'           
5 4 'Structure model' 'Database references'       
6 4 'Structure model' 'Derived calculations'      
7 4 'Structure model' 'Refinement description'    
# 
loop_
_pdbx_audit_revision_category.ordinal 
_pdbx_audit_revision_category.revision_ordinal 
_pdbx_audit_revision_category.data_content_type 
_pdbx_audit_revision_category.category 
1 4 'Structure model' chem_comp_atom                
2 4 'Structure model' chem_comp_bond                
3 4 'Structure model' database_2                    
4 4 'Structure model' pdbx_initial_refinement_model 
5 4 'Structure model' struct_ref_seq_dif            
6 4 'Structure model' struct_site                   
# 
loop_
_pdbx_audit_revision_item.ordinal 
_pdbx_audit_revision_item.revision_ordinal 
_pdbx_audit_revision_item.data_content_type 
_pdbx_audit_revision_item.item 
1 4 'Structure model' '_database_2.pdbx_DOI'                
2 4 'Structure model' '_database_2.pdbx_database_accession' 
3 4 'Structure model' '_struct_ref_seq_dif.details'         
4 4 'Structure model' '_struct_site.pdbx_auth_asym_id'      
5 4 'Structure model' '_struct_site.pdbx_auth_comp_id'      
6 4 'Structure model' '_struct_site.pdbx_auth_seq_id'       
# 
loop_
_software.name 
_software.version 
_software.date 
_software.type 
_software.contact_author 
_software.contact_author_email 
_software.classification 
_software.location 
_software.language 
_software.citation_id 
_software.pdbx_ordinal 
REFMAC      5.1.24 ?                program 'Murshudov, G.N.' ccp4@dl.ac.uk            refinement        
http://www.ccp4.ac.uk/main.html  Fortran_77 ? 1 
PDB_EXTRACT 2.000  'April. 3, 2006' package PDB               sw-help@rcsb.rutgers.edu 'data extraction' 
http://pdb.rutgers.edu/software/ C++        ? 2 
SCALEPACK   .      ?                ?       ?                 ?                        'data scaling'    ? ?          ? 3 
AMoRE       .      ?                ?       ?                 ?                        phasing           ? ?          ? 4 
# 
loop_
_pdbx_validate_torsion.id 
_pdbx_validate_torsion.PDB_model_num 
_pdbx_validate_torsion.auth_comp_id 
_pdbx_validate_torsion.auth_asym_id 
_pdbx_validate_torsion.auth_seq_id 
_pdbx_validate_torsion.PDB_ins_code 
_pdbx_validate_torsion.label_alt_id 
_pdbx_validate_torsion.phi 
_pdbx_validate_torsion.psi 
1 1 ALA A 37 ? ? 107.46 8.01    
2 1 ASP A 58 ? ? 64.63  -177.44 
# 
loop_
_chem_comp_atom.comp_id 
_chem_comp_atom.atom_id 
_chem_comp_atom.type_symbol 
_chem_comp_atom.pdbx_aromatic_flag 
_chem_comp_atom.pdbx_stereo_config 
_chem_comp_atom.pdbx_ordinal 
ALA N    N N N 1   
ALA CA   C N S 2   
ALA C    C N N 3   
ALA O    O N N 4   
ALA CB   C N N 5   
ALA OXT  O N N 6   
ALA H    H N N 7   
ALA H2   H N N 8   
ALA HA   H N N 9   
ALA HB1  H N N 10  
ALA HB2  H N N 11  
ALA HB3  H N N 12  
ALA HXT  H N N 13  
ARG N    N N N 14  
ARG CA   C N S 15  
ARG C    C N N 16  
ARG O    O N N 17  
ARG CB   C N N 18  
ARG CG   C N N 19  
ARG CD   C N N 20  
ARG NE   N N N 21  
ARG CZ   C N N 22  
ARG NH1  N N N 23  
ARG NH2  N N N 24  
ARG OXT  O N N 25  
ARG H    H N N 26  
ARG H2   H N N 27  
ARG HA   H N N 28  
ARG HB2  H N N 29  
ARG HB3  H N N 30  
ARG HG2  H N N 31  
ARG HG3  H N N 32  
ARG HD2  H N N 33  
ARG HD3  H N N 34  
ARG HE   H N N 35  
ARG HH11 H N N 36  
ARG HH12 H N N 37  
ARG HH21 H N N 38  
ARG HH22 H N N 39  
ARG HXT  H N N 40  
ASN N    N N N 41  
ASN CA   C N S 42  
ASN C    C N N 43  
ASN O    O N N 44  
ASN CB   C N N 45  
ASN CG   C N N 46  
ASN OD1  O N N 47  
ASN ND2  N N N 48  
ASN OXT  O N N 49  
ASN H    H N N 50  
ASN H2   H N N 51  
ASN HA   H N N 52  
ASN HB2  H N N 53  
ASN HB3  H N N 54  
ASN HD21 H N N 55  
ASN HD22 H N N 56  
ASN HXT  H N N 57  
ASP N    N N N 58  
ASP CA   C N S 59  
ASP C    C N N 60  
ASP O    O N N 61  
ASP CB   C N N 62  
ASP CG   C N N 63  
ASP OD1  O N N 64  
ASP OD2  O N N 65  
ASP OXT  O N N 66  
ASP H    H N N 67  
ASP H2   H N N 68  
ASP HA   H N N 69  
ASP HB2  H N N 70  
ASP HB3  H N N 71  
ASP HD2  H N N 72  
ASP HXT  H N N 73  
GLN N    N N N 74  
GLN CA   C N S 75  
GLN C    C N N 76  
GLN O    O N N 77  
GLN CB   C N N 78  
GLN CG   C N N 79  
GLN CD   C N N 80  
GLN OE1  O N N 81  
GLN NE2  N N N 82  
GLN OXT  O N N 83  
GLN H    H N N 84  
GLN H2   H N N 85  
GLN HA   H N N 86  
GLN HB2  H N N 87  
GLN HB3  H N N 88  
GLN HG2  H N N 89  
GLN HG3  H N N 90  
GLN HE21 H N N 91  
GLN HE22 H N N 92  
GLN HXT  H N N 93  
GLU N    N N N 94  
GLU CA   C N S 95  
GLU C    C N N 96  
GLU O    O N N 97  
GLU CB   C N N 98  
GLU CG   C N N 99  
GLU CD   C N N 100 
GLU OE1  O N N 101 
GLU OE2  O N N 102 
GLU OXT  O N N 103 
GLU H    H N N 104 
GLU H2   H N N 105 
GLU HA   H N N 106 
GLU HB2  H N N 107 
GLU HB3  H N N 108 
GLU HG2  H N N 109 
GLU HG3  H N N 110 
GLU HE2  H N N 111 
GLU HXT  H N N 112 
GLY N    N N N 113 
GLY CA   C N N 114 
GLY C    C N N 115 
GLY O    O N N 116 
GLY OXT  O N N 117 
GLY H    H N N 118 
GLY H2   H N N 119 
GLY HA2  H N N 120 
GLY HA3  H N N 121 
GLY HXT  H N N 122 
GOL C1   C N N 123 
GOL O1   O N N 124 
GOL C2   C N N 125 
GOL O2   O N N 126 
GOL C3   C N N 127 
GOL O3   O N N 128 
GOL H11  H N N 129 
GOL H12  H N N 130 
GOL HO1  H N N 131 
GOL H2   H N N 132 
GOL HO2  H N N 133 
GOL H31  H N N 134 
GOL H32  H N N 135 
GOL HO3  H N N 136 
HIS N    N N N 137 
HIS CA   C N S 138 
HIS C    C N N 139 
HIS O    O N N 140 
HIS CB   C N N 141 
HIS CG   C Y N 142 
HIS ND1  N Y N 143 
HIS CD2  C Y N 144 
HIS CE1  C Y N 145 
HIS NE2  N Y N 146 
HIS OXT  O N N 147 
HIS H    H N N 148 
HIS H2   H N N 149 
HIS HA   H N N 150 
HIS HB2  H N N 151 
HIS HB3  H N N 152 
HIS HD1  H N N 153 
HIS HD2  H N N 154 
HIS HE1  H N N 155 
HIS HE2  H N N 156 
HIS HXT  H N N 157 
HOH O    O N N 158 
HOH H1   H N N 159 
HOH H2   H N N 160 
ILE N    N N N 161 
ILE CA   C N S 162 
ILE C    C N N 163 
ILE O    O N N 164 
ILE CB   C N S 165 
ILE CG1  C N N 166 
ILE CG2  C N N 167 
ILE CD1  C N N 168 
ILE OXT  O N N 169 
ILE H    H N N 170 
ILE H2   H N N 171 
ILE HA   H N N 172 
ILE HB   H N N 173 
ILE HG12 H N N 174 
ILE HG13 H N N 175 
ILE HG21 H N N 176 
ILE HG22 H N N 177 
ILE HG23 H N N 178 
ILE HD11 H N N 179 
ILE HD12 H N N 180 
ILE HD13 H N N 181 
ILE HXT  H N N 182 
LEU N    N N N 183 
LEU CA   C N S 184 
LEU C    C N N 185 
LEU O    O N N 186 
LEU CB   C N N 187 
LEU CG   C N N 188 
LEU CD1  C N N 189 
LEU CD2  C N N 190 
LEU OXT  O N N 191 
LEU H    H N N 192 
LEU H2   H N N 193 
LEU HA   H N N 194 
LEU HB2  H N N 195 
LEU HB3  H N N 196 
LEU HG   H N N 197 
LEU HD11 H N N 198 
LEU HD12 H N N 199 
LEU HD13 H N N 200 
LEU HD21 H N N 201 
LEU HD22 H N N 202 
LEU HD23 H N N 203 
LEU HXT  H N N 204 
LYS N    N N N 205 
LYS CA   C N S 206 
LYS C    C N N 207 
LYS O    O N N 208 
LYS CB   C N N 209 
LYS CG   C N N 210 
LYS CD   C N N 211 
LYS CE   C N N 212 
LYS NZ   N N N 213 
LYS OXT  O N N 214 
LYS H    H N N 215 
LYS H2   H N N 216 
LYS HA   H N N 217 
LYS HB2  H N N 218 
LYS HB3  H N N 219 
LYS HG2  H N N 220 
LYS HG3  H N N 221 
LYS HD2  H N N 222 
LYS HD3  H N N 223 
LYS HE2  H N N 224 
LYS HE3  H N N 225 
LYS HZ1  H N N 226 
LYS HZ2  H N N 227 
LYS HZ3  H N N 228 
LYS HXT  H N N 229 
PHE N    N N N 230 
PHE CA   C N S 231 
PHE C    C N N 232 
PHE O    O N N 233 
PHE CB   C N N 234 
PHE CG   C Y N 235 
PHE CD1  C Y N 236 
PHE CD2  C Y N 237 
PHE CE1  C Y N 238 
PHE CE2  C Y N 239 
PHE CZ   C Y N 240 
PHE OXT  O N N 241 
PHE H    H N N 242 
PHE H2   H N N 243 
PHE HA   H N N 244 
PHE HB2  H N N 245 
PHE HB3  H N N 246 
PHE HD1  H N N 247 
PHE HD2  H N N 248 
PHE HE1  H N N 249 
PHE HE2  H N N 250 
PHE HZ   H N N 251 
PHE HXT  H N N 252 
PRO N    N N N 253 
PRO CA   C N S 254 
PRO C    C N N 255 
PRO O    O N N 256 
PRO CB   C N N 257 
PRO CG   C N N 258 
PRO CD   C N N 259 
PRO OXT  O N N 260 
PRO H    H N N 261 
PRO HA   H N N 262 
PRO HB2  H N N 263 
PRO HB3  H N N 264 
PRO HG2  H N N 265 
PRO HG3  H N N 266 
PRO HD2  H N N 267 
PRO HD3  H N N 268 
PRO HXT  H N N 269 
SER N    N N N 270 
SER CA   C N S 271 
SER C    C N N 272 
SER O    O N N 273 
SER CB   C N N 274 
SER OG   O N N 275 
SER OXT  O N N 276 
SER H    H N N 277 
SER H2   H N N 278 
SER HA   H N N 279 
SER HB2  H N N 280 
SER HB3  H N N 281 
SER HG   H N N 282 
SER HXT  H N N 283 
SO4 S    S N N 284 
SO4 O1   O N N 285 
SO4 O2   O N N 286 
SO4 O3   O N N 287 
SO4 O4   O N N 288 
THR N    N N N 289 
THR CA   C N S 290 
THR C    C N N 291 
THR O    O N N 292 
THR CB   C N R 293 
THR OG1  O N N 294 
THR CG2  C N N 295 
THR OXT  O N N 296 
THR H    H N N 297 
THR H2   H N N 298 
THR HA   H N N 299 
THR HB   H N N 300 
THR HG1  H N N 301 
THR HG21 H N N 302 
THR HG22 H N N 303 
THR HG23 H N N 304 
THR HXT  H N N 305 
TRP N    N N N 306 
TRP CA   C N S 307 
TRP C    C N N 308 
TRP O    O N N 309 
TRP CB   C N N 310 
TRP CG   C Y N 311 
TRP CD1  C Y N 312 
TRP CD2  C Y N 313 
TRP NE1  N Y N 314 
TRP CE2  C Y N 315 
TRP CE3  C Y N 316 
TRP CZ2  C Y N 317 
TRP CZ3  C Y N 318 
TRP CH2  C Y N 319 
TRP OXT  O N N 320 
TRP H    H N N 321 
TRP H2   H N N 322 
TRP HA   H N N 323 
TRP HB2  H N N 324 
TRP HB3  H N N 325 
TRP HD1  H N N 326 
TRP HE1  H N N 327 
TRP HE3  H N N 328 
TRP HZ2  H N N 329 
TRP HZ3  H N N 330 
TRP HH2  H N N 331 
TRP HXT  H N N 332 
TYR N    N N N 333 
TYR CA   C N S 334 
TYR C    C N N 335 
TYR O    O N N 336 
TYR CB   C N N 337 
TYR CG   C Y N 338 
TYR CD1  C Y N 339 
TYR CD2  C Y N 340 
TYR CE1  C Y N 341 
TYR CE2  C Y N 342 
TYR CZ   C Y N 343 
TYR OH   O N N 344 
TYR OXT  O N N 345 
TYR H    H N N 346 
TYR H2   H N N 347 
TYR HA   H N N 348 
TYR HB2  H N N 349 
TYR HB3  H N N 350 
TYR HD1  H N N 351 
TYR HD2  H N N 352 
TYR HE1  H N N 353 
TYR HE2  H N N 354 
TYR HH   H N N 355 
TYR HXT  H N N 356 
VAL N    N N N 357 
VAL CA   C N S 358 
VAL C    C N N 359 
VAL O    O N N 360 
VAL CB   C N N 361 
VAL CG1  C N N 362 
VAL CG2  C N N 363 
VAL OXT  O N N 364 
VAL H    H N N 365 
VAL H2   H N N 366 
VAL HA   H N N 367 
VAL HB   H N N 368 
VAL HG11 H N N 369 
VAL HG12 H N N 370 
VAL HG13 H N N 371 
VAL HG21 H N N 372 
VAL HG22 H N N 373 
VAL HG23 H N N 374 
VAL HXT  H N N 375 
# 
loop_
_chem_comp_bond.comp_id 
_chem_comp_bond.atom_id_1 
_chem_comp_bond.atom_id_2 
_chem_comp_bond.value_order 
_chem_comp_bond.pdbx_aromatic_flag 
_chem_comp_bond.pdbx_stereo_config 
_chem_comp_bond.pdbx_ordinal 
ALA N   CA   sing N N 1   
ALA N   H    sing N N 2   
ALA N   H2   sing N N 3   
ALA CA  C    sing N N 4   
ALA CA  CB   sing N N 5   
ALA CA  HA   sing N N 6   
ALA C   O    doub N N 7   
ALA C   OXT  sing N N 8   
ALA CB  HB1  sing N N 9   
ALA CB  HB2  sing N N 10  
ALA CB  HB3  sing N N 11  
ALA OXT HXT  sing N N 12  
ARG N   CA   sing N N 13  
ARG N   H    sing N N 14  
ARG N   H2   sing N N 15  
ARG CA  C    sing N N 16  
ARG CA  CB   sing N N 17  
ARG CA  HA   sing N N 18  
ARG C   O    doub N N 19  
ARG C   OXT  sing N N 20  
ARG CB  CG   sing N N 21  
ARG CB  HB2  sing N N 22  
ARG CB  HB3  sing N N 23  
ARG CG  CD   sing N N 24  
ARG CG  HG2  sing N N 25  
ARG CG  HG3  sing N N 26  
ARG CD  NE   sing N N 27  
ARG CD  HD2  sing N N 28  
ARG CD  HD3  sing N N 29  
ARG NE  CZ   sing N N 30  
ARG NE  HE   sing N N 31  
ARG CZ  NH1  sing N N 32  
ARG CZ  NH2  doub N N 33  
ARG NH1 HH11 sing N N 34  
ARG NH1 HH12 sing N N 35  
ARG NH2 HH21 sing N N 36  
ARG NH2 HH22 sing N N 37  
ARG OXT HXT  sing N N 38  
ASN N   CA   sing N N 39  
ASN N   H    sing N N 40  
ASN N   H2   sing N N 41  
ASN CA  C    sing N N 42  
ASN CA  CB   sing N N 43  
ASN CA  HA   sing N N 44  
ASN C   O    doub N N 45  
ASN C   OXT  sing N N 46  
ASN CB  CG   sing N N 47  
ASN CB  HB2  sing N N 48  
ASN CB  HB3  sing N N 49  
ASN CG  OD1  doub N N 50  
ASN CG  ND2  sing N N 51  
ASN ND2 HD21 sing N N 52  
ASN ND2 HD22 sing N N 53  
ASN OXT HXT  sing N N 54  
ASP N   CA   sing N N 55  
ASP N   H    sing N N 56  
ASP N   H2   sing N N 57  
ASP CA  C    sing N N 58  
ASP CA  CB   sing N N 59  
ASP CA  HA   sing N N 60  
ASP C   O    doub N N 61  
ASP C   OXT  sing N N 62  
ASP CB  CG   sing N N 63  
ASP CB  HB2  sing N N 64  
ASP CB  HB3  sing N N 65  
ASP CG  OD1  doub N N 66  
ASP CG  OD2  sing N N 67  
ASP OD2 HD2  sing N N 68  
ASP OXT HXT  sing N N 69  
GLN N   CA   sing N N 70  
GLN N   H    sing N N 71  
GLN N   H2   sing N N 72  
GLN CA  C    sing N N 73  
GLN CA  CB   sing N N 74  
GLN CA  HA   sing N N 75  
GLN C   O    doub N N 76  
GLN C   OXT  sing N N 77  
GLN CB  CG   sing N N 78  
GLN CB  HB2  sing N N 79  
GLN CB  HB3  sing N N 80  
GLN CG  CD   sing N N 81  
GLN CG  HG2  sing N N 82  
GLN CG  HG3  sing N N 83  
GLN CD  OE1  doub N N 84  
GLN CD  NE2  sing N N 85  
GLN NE2 HE21 sing N N 86  
GLN NE2 HE22 sing N N 87  
GLN OXT HXT  sing N N 88  
GLU N   CA   sing N N 89  
GLU N   H    sing N N 90  
GLU N   H2   sing N N 91  
GLU CA  C    sing N N 92  
GLU CA  CB   sing N N 93  
GLU CA  HA   sing N N 94  
GLU C   O    doub N N 95  
GLU C   OXT  sing N N 96  
GLU CB  CG   sing N N 97  
GLU CB  HB2  sing N N 98  
GLU CB  HB3  sing N N 99  
GLU CG  CD   sing N N 100 
GLU CG  HG2  sing N N 101 
GLU CG  HG3  sing N N 102 
GLU CD  OE1  doub N N 103 
GLU CD  OE2  sing N N 104 
GLU OE2 HE2  sing N N 105 
GLU OXT HXT  sing N N 106 
GLY N   CA   sing N N 107 
GLY N   H    sing N N 108 
GLY N   H2   sing N N 109 
GLY CA  C    sing N N 110 
GLY CA  HA2  sing N N 111 
GLY CA  HA3  sing N N 112 
GLY C   O    doub N N 113 
GLY C   OXT  sing N N 114 
GLY OXT HXT  sing N N 115 
GOL C1  O1   sing N N 116 
GOL C1  C2   sing N N 117 
GOL C1  H11  sing N N 118 
GOL C1  H12  sing N N 119 
GOL O1  HO1  sing N N 120 
GOL C2  O2   sing N N 121 
GOL C2  C3   sing N N 122 
GOL C2  H2   sing N N 123 
GOL O2  HO2  sing N N 124 
GOL C3  O3   sing N N 125 
GOL C3  H31  sing N N 126 
GOL C3  H32  sing N N 127 
GOL O3  HO3  sing N N 128 
HIS N   CA   sing N N 129 
HIS N   H    sing N N 130 
HIS N   H2   sing N N 131 
HIS CA  C    sing N N 132 
HIS CA  CB   sing N N 133 
HIS CA  HA   sing N N 134 
HIS C   O    doub N N 135 
HIS C   OXT  sing N N 136 
HIS CB  CG   sing N N 137 
HIS CB  HB2  sing N N 138 
HIS CB  HB3  sing N N 139 
HIS CG  ND1  sing Y N 140 
HIS CG  CD2  doub Y N 141 
HIS ND1 CE1  doub Y N 142 
HIS ND1 HD1  sing N N 143 
HIS CD2 NE2  sing Y N 144 
HIS CD2 HD2  sing N N 145 
HIS CE1 NE2  sing Y N 146 
HIS CE1 HE1  sing N N 147 
HIS NE2 HE2  sing N N 148 
HIS OXT HXT  sing N N 149 
HOH O   H1   sing N N 150 
HOH O   H2   sing N N 151 
ILE N   CA   sing N N 152 
ILE N   H    sing N N 153 
ILE N   H2   sing N N 154 
ILE CA  C    sing N N 155 
ILE CA  CB   sing N N 156 
ILE CA  HA   sing N N 157 
ILE C   O    doub N N 158 
ILE C   OXT  sing N N 159 
ILE CB  CG1  sing N N 160 
ILE CB  CG2  sing N N 161 
ILE CB  HB   sing N N 162 
ILE CG1 CD1  sing N N 163 
ILE CG1 HG12 sing N N 164 
ILE CG1 HG13 sing N N 165 
ILE CG2 HG21 sing N N 166 
ILE CG2 HG22 sing N N 167 
ILE CG2 HG23 sing N N 168 
ILE CD1 HD11 sing N N 169 
ILE CD1 HD12 sing N N 170 
ILE CD1 HD13 sing N N 171 
ILE OXT HXT  sing N N 172 
LEU N   CA   sing N N 173 
LEU N   H    sing N N 174 
LEU N   H2   sing N N 175 
LEU CA  C    sing N N 176 
LEU CA  CB   sing N N 177 
LEU CA  HA   sing N N 178 
LEU C   O    doub N N 179 
LEU C   OXT  sing N N 180 
LEU CB  CG   sing N N 181 
LEU CB  HB2  sing N N 182 
LEU CB  HB3  sing N N 183 
LEU CG  CD1  sing N N 184 
LEU CG  CD2  sing N N 185 
LEU CG  HG   sing N N 186 
LEU CD1 HD11 sing N N 187 
LEU CD1 HD12 sing N N 188 
LEU CD1 HD13 sing N N 189 
LEU CD2 HD21 sing N N 190 
LEU CD2 HD22 sing N N 191 
LEU CD2 HD23 sing N N 192 
LEU OXT HXT  sing N N 193 
LYS N   CA   sing N N 194 
LYS N   H    sing N N 195 
LYS N   H2   sing N N 196 
LYS CA  C    sing N N 197 
LYS CA  CB   sing N N 198 
LYS CA  HA   sing N N 199 
LYS C   O    doub N N 200 
LYS C   OXT  sing N N 201 
LYS CB  CG   sing N N 202 
LYS CB  HB2  sing N N 203 
LYS CB  HB3  sing N N 204 
LYS CG  CD   sing N N 205 
LYS CG  HG2  sing N N 206 
LYS CG  HG3  sing N N 207 
LYS CD  CE   sing N N 208 
LYS CD  HD2  sing N N 209 
LYS CD  HD3  sing N N 210 
LYS CE  NZ   sing N N 211 
LYS CE  HE2  sing N N 212 
LYS CE  HE3  sing N N 213 
LYS NZ  HZ1  sing N N 214 
LYS NZ  HZ2  sing N N 215 
LYS NZ  HZ3  sing N N 216 
LYS OXT HXT  sing N N 217 
PHE N   CA   sing N N 218 
PHE N   H    sing N N 219 
PHE N   H2   sing N N 220 
PHE CA  C    sing N N 221 
PHE CA  CB   sing N N 222 
PHE CA  HA   sing N N 223 
PHE C   O    doub N N 224 
PHE C   OXT  sing N N 225 
PHE CB  CG   sing N N 226 
PHE CB  HB2  sing N N 227 
PHE CB  HB3  sing N N 228 
PHE CG  CD1  doub Y N 229 
PHE CG  CD2  sing Y N 230 
PHE CD1 CE1  sing Y N 231 
PHE CD1 HD1  sing N N 232 
PHE CD2 CE2  doub Y N 233 
PHE CD2 HD2  sing N N 234 
PHE CE1 CZ   doub Y N 235 
PHE CE1 HE1  sing N N 236 
PHE CE2 CZ   sing Y N 237 
PHE CE2 HE2  sing N N 238 
PHE CZ  HZ   sing N N 239 
PHE OXT HXT  sing N N 240 
PRO N   CA   sing N N 241 
PRO N   CD   sing N N 242 
PRO N   H    sing N N 243 
PRO CA  C    sing N N 244 
PRO CA  CB   sing N N 245 
PRO CA  HA   sing N N 246 
PRO C   O    doub N N 247 
PRO C   OXT  sing N N 248 
PRO CB  CG   sing N N 249 
PRO CB  HB2  sing N N 250 
PRO CB  HB3  sing N N 251 
PRO CG  CD   sing N N 252 
PRO CG  HG2  sing N N 253 
PRO CG  HG3  sing N N 254 
PRO CD  HD2  sing N N 255 
PRO CD  HD3  sing N N 256 
PRO OXT HXT  sing N N 257 
SER N   CA   sing N N 258 
SER N   H    sing N N 259 
SER N   H2   sing N N 260 
SER CA  C    sing N N 261 
SER CA  CB   sing N N 262 
SER CA  HA   sing N N 263 
SER C   O    doub N N 264 
SER C   OXT  sing N N 265 
SER CB  OG   sing N N 266 
SER CB  HB2  sing N N 267 
SER CB  HB3  sing N N 268 
SER OG  HG   sing N N 269 
SER OXT HXT  sing N N 270 
SO4 S   O1   doub N N 271 
SO4 S   O2   doub N N 272 
SO4 S   O3   sing N N 273 
SO4 S   O4   sing N N 274 
THR N   CA   sing N N 275 
THR N   H    sing N N 276 
THR N   H2   sing N N 277 
THR CA  C    sing N N 278 
THR CA  CB   sing N N 279 
THR CA  HA   sing N N 280 
THR C   O    doub N N 281 
THR C   OXT  sing N N 282 
THR CB  OG1  sing N N 283 
THR CB  CG2  sing N N 284 
THR CB  HB   sing N N 285 
THR OG1 HG1  sing N N 286 
THR CG2 HG21 sing N N 287 
THR CG2 HG22 sing N N 288 
THR CG2 HG23 sing N N 289 
THR OXT HXT  sing N N 290 
TRP N   CA   sing N N 291 
TRP N   H    sing N N 292 
TRP N   H2   sing N N 293 
TRP CA  C    sing N N 294 
TRP CA  CB   sing N N 295 
TRP CA  HA   sing N N 296 
TRP C   O    doub N N 297 
TRP C   OXT  sing N N 298 
TRP CB  CG   sing N N 299 
TRP CB  HB2  sing N N 300 
TRP CB  HB3  sing N N 301 
TRP CG  CD1  doub Y N 302 
TRP CG  CD2  sing Y N 303 
TRP CD1 NE1  sing Y N 304 
TRP CD1 HD1  sing N N 305 
TRP CD2 CE2  doub Y N 306 
TRP CD2 CE3  sing Y N 307 
TRP NE1 CE2  sing Y N 308 
TRP NE1 HE1  sing N N 309 
TRP CE2 CZ2  sing Y N 310 
TRP CE3 CZ3  doub Y N 311 
TRP CE3 HE3  sing N N 312 
TRP CZ2 CH2  doub Y N 313 
TRP CZ2 HZ2  sing N N 314 
TRP CZ3 CH2  sing Y N 315 
TRP CZ3 HZ3  sing N N 316 
TRP CH2 HH2  sing N N 317 
TRP OXT HXT  sing N N 318 
TYR N   CA   sing N N 319 
TYR N   H    sing N N 320 
TYR N   H2   sing N N 321 
TYR CA  C    sing N N 322 
TYR CA  CB   sing N N 323 
TYR CA  HA   sing N N 324 
TYR C   O    doub N N 325 
TYR C   OXT  sing N N 326 
TYR CB  CG   sing N N 327 
TYR CB  HB2  sing N N 328 
TYR CB  HB3  sing N N 329 
TYR CG  CD1  doub Y N 330 
TYR CG  CD2  sing Y N 331 
TYR CD1 CE1  sing Y N 332 
TYR CD1 HD1  sing N N 333 
TYR CD2 CE2  doub Y N 334 
TYR CD2 HD2  sing N N 335 
TYR CE1 CZ   doub Y N 336 
TYR CE1 HE1  sing N N 337 
TYR CE2 CZ   sing Y N 338 
TYR CE2 HE2  sing N N 339 
TYR CZ  OH   sing N N 340 
TYR OH  HH   sing N N 341 
TYR OXT HXT  sing N N 342 
VAL N   CA   sing N N 343 
VAL N   H    sing N N 344 
VAL N   H2   sing N N 345 
VAL CA  C    sing N N 346 
VAL CA  CB   sing N N 347 
VAL CA  HA   sing N N 348 
VAL C   O    doub N N 349 
VAL C   OXT  sing N N 350 
VAL CB  CG1  sing N N 351 
VAL CB  CG2  sing N N 352 
VAL CB  HB   sing N N 353 
VAL CG1 HG11 sing N N 354 
VAL CG1 HG12 sing N N 355 
VAL CG1 HG13 sing N N 356 
VAL CG2 HG21 sing N N 357 
VAL CG2 HG22 sing N N 358 
VAL CG2 HG23 sing N N 359 
VAL OXT HXT  sing N N 360 
# 
loop_
_pdbx_entity_nonpoly.entity_id 
_pdbx_entity_nonpoly.name 
_pdbx_entity_nonpoly.comp_id 
3 GLYCEROL      GOL 
4 'SULFATE ION' SO4 
5 water         HOH 
# 
_pdbx_initial_refinement_model.id               1 
_pdbx_initial_refinement_model.entity_id_list   ? 
_pdbx_initial_refinement_model.type             'experimental model' 
_pdbx_initial_refinement_model.source_name      PDB 
_pdbx_initial_refinement_model.accession_code   1SEM 
_pdbx_initial_refinement_model.details          'PDB entry 1SEM' 
# 
